data_3AP2
#
_entry.id   3AP2
#
_cell.length_a   138.379
_cell.length_b   138.379
_cell.length_c   228.547
_cell.angle_alpha   90.00
_cell.angle_beta   90.00
_cell.angle_gamma   120.00
#
_symmetry.space_group_name_H-M   'H 3 2'
#
loop_
_entity.id
_entity.type
_entity.pdbx_description
1 polymer 'Protein-tyrosine sulfotransferase 2'
2 polymer 'C4 peptide'
3 non-polymer "ADENOSINE-3'-5'-DIPHOSPHATE"
4 non-polymer GLYCEROL
5 non-polymer 'PHOSPHATE ION'
6 water water
#
loop_
_entity_poly.entity_id
_entity_poly.type
_entity_poly.pdbx_seq_one_letter_code
_entity_poly.pdbx_strand_id
1 'polypeptide(L)'
;MGSSHHHHHHSSGVPRGSHMGAMRPEQEELVMVGTNHVEYRYGKAMPLIFVGGVPRSGTTLMRAMLDAHPEVRCGEETRI
IPRVLAMRQAWSKSGREKLRLDEAGVTDEVLDAAMQAFILEVIAKHGEPARVLCNKDPFTLKSSVYLSRLFPNSKFLLMV
RDGRASVHSMITRKVTIAGFDLSSYRDCLTKWNKAIEVMYAQCMEVGKEKCLPVYYEQLVLHPRRSLKLILDFLGIAWSD
AVLHHEDLIGKPGGVSLSKIERSTDQVIKPVNLEALSKWTGHIPGDVVRDMAQIAPMLAQLGYDPYANPPNYGNPDPFVI
NNTQRVLKGDYKTPANL
;
A,B
2 'polypeptide(L)' EDFEDYEFD S,T
#
loop_
_chem_comp.id
_chem_comp.type
_chem_comp.name
_chem_comp.formula
A3P RNA linking ADENOSINE-3'-5'-DIPHOSPHATE 'C10 H15 N5 O10 P2'
GOL non-polymer GLYCEROL 'C3 H8 O3'
PO4 non-polymer 'PHOSPHATE ION' 'O4 P -3'
#
# COMPACT_ATOMS: atom_id res chain seq x y z
N GLU A 29 -0.37 -2.58 -21.26
CA GLU A 29 0.37 -3.86 -21.10
C GLU A 29 1.88 -3.64 -20.96
N LEU A 30 2.40 -3.70 -19.72
CA LEU A 30 3.85 -3.54 -19.51
C LEU A 30 4.67 -4.66 -20.18
N VAL A 31 5.91 -4.36 -20.57
CA VAL A 31 6.73 -5.30 -21.35
C VAL A 31 8.10 -5.53 -20.70
N MET A 32 8.58 -6.78 -20.72
CA MET A 32 9.97 -7.10 -20.29
C MET A 32 10.72 -8.03 -21.26
N VAL A 33 12.05 -7.91 -21.30
CA VAL A 33 12.86 -8.63 -22.31
C VAL A 33 13.62 -9.86 -21.77
N GLY A 34 14.76 -9.64 -21.10
CA GLY A 34 15.61 -10.75 -20.59
C GLY A 34 16.20 -11.63 -21.69
N VAL A 38 11.55 -14.20 -25.73
CA VAL A 38 11.47 -12.99 -26.58
C VAL A 38 11.13 -11.77 -25.69
N GLU A 39 10.05 -11.06 -26.02
CA GLU A 39 9.50 -10.03 -25.16
C GLU A 39 8.14 -10.48 -24.64
N TYR A 40 8.00 -10.50 -23.33
CA TYR A 40 6.79 -11.02 -22.70
C TYR A 40 5.83 -9.88 -22.37
N ARG A 41 4.57 -10.06 -22.75
CA ARG A 41 3.57 -9.02 -22.53
C ARG A 41 2.61 -9.42 -21.42
N TYR A 42 2.47 -8.53 -20.45
CA TYR A 42 1.74 -8.79 -19.22
C TYR A 42 0.63 -7.77 -18.99
N GLY A 43 -0.53 -8.23 -18.56
CA GLY A 43 -1.67 -7.35 -18.31
C GLY A 43 -2.69 -7.95 -17.36
N LYS A 44 -3.74 -7.18 -17.07
CA LYS A 44 -4.73 -7.59 -16.07
C LYS A 44 -5.45 -8.89 -16.43
N ALA A 45 -5.37 -9.28 -17.69
CA ALA A 45 -6.12 -10.43 -18.21
C ALA A 45 -5.26 -11.67 -18.46
N MET A 46 -3.98 -11.58 -18.12
CA MET A 46 -3.08 -12.71 -18.29
C MET A 46 -3.37 -13.82 -17.28
N PRO A 47 -2.88 -15.05 -17.54
CA PRO A 47 -3.19 -16.11 -16.57
C PRO A 47 -2.13 -16.11 -15.47
N LEU A 48 -2.53 -15.71 -14.28
CA LEU A 48 -1.64 -15.70 -13.15
C LEU A 48 -1.89 -16.95 -12.31
N ILE A 49 -0.84 -17.49 -11.71
CA ILE A 49 -1.06 -18.52 -10.71
C ILE A 49 -0.83 -17.90 -9.33
N PHE A 50 -1.80 -18.02 -8.45
CA PHE A 50 -1.60 -17.61 -7.05
C PHE A 50 -1.56 -18.79 -6.11
N VAL A 51 -0.39 -19.09 -5.55
CA VAL A 51 -0.30 -20.15 -4.55
C VAL A 51 -0.38 -19.54 -3.16
N GLY A 52 -0.99 -20.27 -2.23
CA GLY A 52 -1.00 -19.86 -0.84
C GLY A 52 -1.58 -20.93 0.05
N GLY A 53 -1.89 -20.52 1.28
CA GLY A 53 -2.36 -21.41 2.35
C GLY A 53 -1.81 -20.93 3.71
N VAL A 54 -1.96 -21.73 4.74
CA VAL A 54 -1.45 -21.30 6.02
C VAL A 54 0.07 -21.59 5.98
N PRO A 55 0.91 -20.64 6.35
CA PRO A 55 2.35 -20.95 6.30
C PRO A 55 2.72 -22.29 6.94
N ARG A 56 3.81 -22.90 6.54
CA ARG A 56 4.18 -24.25 7.03
C ARG A 56 3.24 -25.34 6.48
N SER A 57 2.72 -25.11 5.28
CA SER A 57 1.83 -26.06 4.62
C SER A 57 2.36 -26.59 3.28
N GLY A 58 3.64 -26.37 3.02
CA GLY A 58 4.25 -26.81 1.76
C GLY A 58 4.06 -25.84 0.62
N THR A 59 3.83 -24.55 0.93
CA THR A 59 3.62 -23.57 -0.13
C THR A 59 4.93 -23.26 -0.90
N THR A 60 6.07 -23.23 -0.23
CA THR A 60 7.34 -22.94 -0.93
C THR A 60 7.74 -24.08 -1.86
N LEU A 61 7.53 -25.31 -1.37
CA LEU A 61 7.71 -26.50 -2.19
C LEU A 61 6.84 -26.44 -3.46
N MET A 62 5.56 -26.14 -3.30
CA MET A 62 4.65 -26.09 -4.44
C MET A 62 5.12 -25.06 -5.48
N ARG A 63 5.58 -23.89 -5.05
CA ARG A 63 5.95 -22.86 -6.02
C ARG A 63 7.31 -23.12 -6.61
N ALA A 64 8.15 -23.86 -5.89
CA ALA A 64 9.44 -24.27 -6.40
C ALA A 64 9.19 -25.23 -7.54
N MET A 65 8.28 -26.18 -7.32
CA MET A 65 8.02 -27.17 -8.34
C MET A 65 7.52 -26.49 -9.62
N LEU A 66 6.70 -25.44 -9.46
CA LEU A 66 6.23 -24.68 -10.63
C LEU A 66 7.36 -23.82 -11.28
N ASP A 67 8.15 -23.10 -10.49
CA ASP A 67 9.33 -22.38 -10.99
C ASP A 67 10.28 -23.24 -11.87
N ALA A 68 10.17 -24.54 -11.71
CA ALA A 68 11.04 -25.46 -12.36
C ALA A 68 10.49 -25.79 -13.76
N HIS A 69 9.20 -25.56 -13.95
CA HIS A 69 8.64 -25.59 -15.26
C HIS A 69 9.28 -24.45 -16.02
N PRO A 70 9.79 -24.71 -17.24
CA PRO A 70 10.49 -23.63 -17.94
C PRO A 70 9.57 -22.48 -18.36
N GLU A 71 8.28 -22.77 -18.53
CA GLU A 71 7.27 -21.79 -18.88
C GLU A 71 6.79 -20.88 -17.72
N VAL A 72 7.18 -21.20 -16.47
CA VAL A 72 6.58 -20.56 -15.28
C VAL A 72 7.61 -19.99 -14.33
N ARG A 73 7.43 -18.72 -13.92
CA ARG A 73 8.15 -18.14 -12.77
C ARG A 73 7.19 -17.65 -11.64
N CYS A 74 7.42 -18.18 -10.44
CA CYS A 74 6.77 -17.72 -9.20
C CYS A 74 7.70 -16.79 -8.46
N GLY A 75 8.85 -17.30 -8.03
CA GLY A 75 9.84 -16.48 -7.36
C GLY A 75 9.51 -16.38 -5.89
N GLU A 76 10.30 -15.57 -5.18
CA GLU A 76 10.21 -15.50 -3.72
C GLU A 76 8.90 -14.87 -3.17
N GLU A 77 8.69 -14.93 -1.85
CA GLU A 77 7.58 -14.20 -1.21
C GLU A 77 7.77 -12.68 -1.32
N THR A 78 6.82 -11.98 -1.92
CA THR A 78 6.98 -10.53 -2.11
C THR A 78 6.67 -9.69 -0.85
N ARG A 79 5.88 -10.22 0.06
CA ARG A 79 5.54 -9.56 1.33
C ARG A 79 4.65 -8.33 1.17
N ILE A 80 4.92 -7.52 0.15
CA ILE A 80 4.26 -6.26 -0.05
C ILE A 80 2.85 -6.45 -0.63
N ILE A 81 2.60 -7.58 -1.26
CA ILE A 81 1.29 -7.82 -1.85
C ILE A 81 0.22 -8.09 -0.76
N PRO A 82 0.50 -9.00 0.20
CA PRO A 82 -0.49 -9.15 1.26
C PRO A 82 -0.59 -7.87 2.11
N ARG A 83 0.50 -7.11 2.20
CA ARG A 83 0.45 -5.80 2.87
C ARG A 83 -0.50 -4.80 2.18
N VAL A 84 -0.34 -4.58 0.86
CA VAL A 84 -1.30 -3.70 0.18
C VAL A 84 -2.71 -4.23 0.25
N LEU A 85 -2.88 -5.55 0.28
CA LEU A 85 -4.20 -6.16 0.31
C LEU A 85 -4.91 -5.92 1.67
N ALA A 86 -4.12 -5.93 2.74
CA ALA A 86 -4.61 -5.63 4.07
C ALA A 86 -5.13 -4.19 4.12
N MET A 87 -4.27 -3.26 3.69
CA MET A 87 -4.61 -1.84 3.59
C MET A 87 -5.90 -1.58 2.83
N ARG A 88 -6.00 -2.13 1.61
CA ARG A 88 -7.17 -1.88 0.80
CA ARG A 88 -7.18 -1.94 0.77
C ARG A 88 -8.40 -2.48 1.49
N GLN A 89 -8.18 -3.52 2.27
CA GLN A 89 -9.23 -4.21 2.99
C GLN A 89 -9.83 -3.31 4.07
N ALA A 90 -8.95 -2.72 4.88
CA ALA A 90 -9.33 -1.75 5.89
C ALA A 90 -10.21 -0.64 5.29
N TRP A 91 -9.84 -0.13 4.12
CA TRP A 91 -10.53 1.02 3.54
C TRP A 91 -11.97 0.70 3.15
N SER A 92 -12.23 -0.51 2.69
CA SER A 92 -13.58 -0.92 2.30
C SER A 92 -14.38 -1.42 3.51
N LYS A 93 -13.64 -1.84 4.55
CA LYS A 93 -14.23 -2.37 5.79
C LYS A 93 -14.94 -1.30 6.61
N SER A 94 -14.39 -0.08 6.61
CA SER A 94 -15.02 1.08 7.25
C SER A 94 -15.97 1.73 6.27
N GLY A 95 -17.25 1.76 6.66
CA GLY A 95 -18.32 2.40 5.91
C GLY A 95 -18.02 3.85 5.65
N ARG A 96 -17.54 4.54 6.70
CA ARG A 96 -17.24 5.96 6.68
C ARG A 96 -16.09 6.30 5.74
N GLU A 97 -15.00 5.56 5.84
CA GLU A 97 -13.87 5.71 4.93
C GLU A 97 -14.28 5.46 3.46
N LYS A 98 -15.14 4.47 3.26
CA LYS A 98 -15.66 4.15 1.93
C LYS A 98 -16.39 5.36 1.34
N LEU A 99 -17.31 5.94 2.13
CA LEU A 99 -18.01 7.18 1.81
C LEU A 99 -17.09 8.35 1.38
N ARG A 100 -15.99 8.57 2.09
CA ARG A 100 -15.12 9.70 1.85
C ARG A 100 -14.35 9.48 0.58
N LEU A 101 -13.93 8.24 0.37
CA LEU A 101 -13.25 7.85 -0.86
C LEU A 101 -14.16 8.08 -2.06
N ASP A 102 -15.41 7.61 -1.96
CA ASP A 102 -16.41 7.78 -3.00
C ASP A 102 -16.59 9.25 -3.28
N GLU A 103 -16.66 10.04 -2.21
CA GLU A 103 -16.88 11.46 -2.38
C GLU A 103 -15.67 12.12 -3.01
N ALA A 104 -14.49 11.56 -2.80
CA ALA A 104 -13.30 12.06 -3.46
C ALA A 104 -13.12 11.55 -4.90
N GLY A 105 -14.09 10.77 -5.41
CA GLY A 105 -13.94 10.11 -6.70
C GLY A 105 -13.06 8.85 -6.64
N VAL A 106 -12.54 8.53 -5.46
CA VAL A 106 -11.81 7.28 -5.26
C VAL A 106 -12.79 6.12 -4.98
N THR A 107 -13.34 5.57 -6.07
CA THR A 107 -14.45 4.60 -6.01
C THR A 107 -13.85 3.21 -6.03
N ASP A 108 -14.69 2.19 -5.89
CA ASP A 108 -14.25 0.84 -6.15
C ASP A 108 -13.41 0.70 -7.42
N GLU A 109 -13.91 1.22 -8.56
CA GLU A 109 -13.21 1.05 -9.85
C GLU A 109 -11.83 1.65 -9.84
N VAL A 110 -11.66 2.75 -9.12
CA VAL A 110 -10.38 3.45 -9.08
C VAL A 110 -9.42 2.69 -8.19
N LEU A 111 -9.88 2.27 -7.00
CA LEU A 111 -9.07 1.40 -6.12
C LEU A 111 -8.58 0.15 -6.81
N ASP A 112 -9.51 -0.58 -7.40
CA ASP A 112 -9.21 -1.83 -8.08
C ASP A 112 -8.18 -1.63 -9.19
N ALA A 113 -8.34 -0.59 -9.99
CA ALA A 113 -7.37 -0.29 -11.04
C ALA A 113 -5.99 0.01 -10.44
N ALA A 114 -5.97 0.69 -9.31
CA ALA A 114 -4.67 1.01 -8.71
C ALA A 114 -4.03 -0.26 -8.11
N MET A 115 -4.86 -1.09 -7.49
CA MET A 115 -4.45 -2.40 -7.01
C MET A 115 -3.92 -3.27 -8.15
N GLN A 116 -4.76 -3.51 -9.16
CA GLN A 116 -4.39 -4.25 -10.36
CA GLN A 116 -4.38 -4.27 -10.34
C GLN A 116 -2.98 -3.82 -10.78
N ALA A 117 -2.80 -2.51 -10.96
CA ALA A 117 -1.54 -2.00 -11.45
C ALA A 117 -0.38 -2.23 -10.50
N PHE A 118 -0.62 -1.93 -9.22
CA PHE A 118 0.39 -2.13 -8.18
C PHE A 118 0.82 -3.59 -8.09
N ILE A 119 -0.14 -4.48 -7.91
CA ILE A 119 0.19 -5.89 -7.70
C ILE A 119 0.94 -6.47 -8.89
N LEU A 120 0.51 -6.08 -10.09
CA LEU A 120 1.05 -6.62 -11.32
C LEU A 120 2.48 -6.18 -11.57
N GLU A 121 2.84 -4.94 -11.20
CA GLU A 121 4.24 -4.53 -11.36
C GLU A 121 5.14 -5.40 -10.50
N VAL A 122 4.72 -5.67 -9.27
CA VAL A 122 5.52 -6.42 -8.29
C VAL A 122 5.71 -7.86 -8.76
N ILE A 123 4.60 -8.48 -9.17
CA ILE A 123 4.63 -9.84 -9.70
C ILE A 123 5.52 -9.91 -10.95
N ALA A 124 5.21 -9.10 -11.96
CA ALA A 124 6.03 -9.07 -13.20
C ALA A 124 7.51 -8.78 -12.98
N LYS A 125 7.85 -7.85 -12.09
CA LYS A 125 9.25 -7.42 -12.07
C LYS A 125 10.16 -7.91 -10.91
N HIS A 126 9.59 -8.51 -9.87
CA HIS A 126 10.42 -8.99 -8.76
C HIS A 126 11.34 -10.18 -9.08
N GLY A 127 11.13 -10.86 -10.20
CA GLY A 127 12.10 -11.85 -10.71
C GLY A 127 12.22 -11.89 -12.23
N GLU A 128 12.84 -12.92 -12.77
CA GLU A 128 12.91 -13.14 -14.22
C GLU A 128 11.52 -13.16 -14.91
N PRO A 129 11.47 -12.79 -16.21
CA PRO A 129 10.18 -12.87 -16.91
C PRO A 129 9.94 -14.27 -17.41
N ALA A 130 8.67 -14.63 -17.64
CA ALA A 130 8.31 -15.98 -18.06
C ALA A 130 6.91 -16.03 -18.68
N ARG A 131 6.67 -16.97 -19.58
CA ARG A 131 5.38 -16.98 -20.24
C ARG A 131 4.25 -16.81 -19.24
N VAL A 132 4.21 -17.68 -18.22
CA VAL A 132 3.15 -17.68 -17.21
C VAL A 132 3.71 -17.12 -15.92
N LEU A 133 2.92 -16.27 -15.26
CA LEU A 133 3.42 -15.65 -14.04
C LEU A 133 2.68 -16.15 -12.82
N CYS A 134 3.42 -16.24 -11.72
CA CYS A 134 2.93 -16.86 -10.51
C CYS A 134 3.37 -16.07 -9.28
N ASN A 135 2.56 -16.13 -8.24
CA ASN A 135 2.91 -15.50 -6.95
C ASN A 135 2.68 -16.42 -5.78
N LYS A 136 3.56 -16.40 -4.81
CA LYS A 136 3.30 -17.13 -3.58
C LYS A 136 3.55 -16.26 -2.37
N ASP A 137 2.45 -15.85 -1.76
CA ASP A 137 2.44 -15.19 -0.45
C ASP A 137 1.26 -15.86 0.23
N PRO A 138 1.53 -16.72 1.22
CA PRO A 138 0.60 -17.65 1.87
C PRO A 138 -0.77 -17.08 2.17
N PHE A 139 -0.88 -15.92 2.80
CA PHE A 139 -2.23 -15.45 3.16
C PHE A 139 -2.97 -14.72 2.05
N THR A 140 -2.33 -14.51 0.90
CA THR A 140 -3.02 -13.83 -0.21
C THR A 140 -4.30 -14.60 -0.45
N LEU A 141 -4.28 -15.90 -0.13
CA LEU A 141 -5.42 -16.77 -0.38
C LEU A 141 -6.65 -16.44 0.46
N LYS A 142 -6.50 -15.62 1.51
CA LYS A 142 -7.66 -15.11 2.23
C LYS A 142 -8.41 -14.08 1.37
N SER A 143 -7.79 -13.67 0.26
CA SER A 143 -8.29 -12.63 -0.63
C SER A 143 -8.48 -13.16 -2.06
N SER A 144 -8.71 -14.47 -2.21
CA SER A 144 -8.78 -15.03 -3.56
C SER A 144 -10.04 -14.62 -4.37
N VAL A 145 -11.16 -14.34 -3.69
CA VAL A 145 -12.35 -13.81 -4.39
C VAL A 145 -12.02 -12.44 -4.97
N TYR A 146 -11.29 -11.66 -4.19
CA TYR A 146 -10.92 -10.35 -4.64
C TYR A 146 -9.93 -10.43 -5.81
N LEU A 147 -8.86 -11.22 -5.65
CA LEU A 147 -7.79 -11.30 -6.67
C LEU A 147 -8.32 -11.86 -7.97
N SER A 148 -9.36 -12.67 -7.83
CA SER A 148 -10.02 -13.38 -8.91
C SER A 148 -10.77 -12.38 -9.76
N ARG A 149 -11.38 -11.44 -9.04
CA ARG A 149 -12.13 -10.35 -9.61
C ARG A 149 -11.16 -9.44 -10.37
N LEU A 150 -10.02 -9.12 -9.75
CA LEU A 150 -9.00 -8.25 -10.32
C LEU A 150 -8.25 -8.83 -11.51
N PHE A 151 -8.10 -10.15 -11.51
CA PHE A 151 -7.31 -10.85 -12.50
C PHE A 151 -8.16 -12.06 -12.90
N PRO A 152 -9.05 -11.89 -13.89
CA PRO A 152 -10.12 -12.88 -14.19
C PRO A 152 -9.68 -14.19 -14.86
N ASN A 153 -8.45 -14.26 -15.34
CA ASN A 153 -7.91 -15.54 -15.82
C ASN A 153 -6.86 -16.21 -14.89
N SER A 154 -6.55 -15.55 -13.76
CA SER A 154 -5.73 -16.15 -12.70
C SER A 154 -6.41 -17.34 -12.01
N LYS A 155 -5.59 -18.28 -11.58
CA LYS A 155 -6.07 -19.44 -10.85
C LYS A 155 -5.39 -19.55 -9.47
N PHE A 156 -5.97 -20.37 -8.61
CA PHE A 156 -5.48 -20.49 -7.24
C PHE A 156 -5.19 -21.94 -6.84
N LEU A 157 -4.02 -22.12 -6.24
CA LEU A 157 -3.66 -23.35 -5.57
C LEU A 157 -3.64 -23.13 -4.05
N LEU A 158 -4.71 -23.57 -3.38
CA LEU A 158 -4.73 -23.62 -1.90
C LEU A 158 -3.98 -24.84 -1.32
N MET A 159 -2.72 -24.67 -0.91
CA MET A 159 -2.05 -25.72 -0.13
C MET A 159 -2.77 -25.99 1.17
N VAL A 160 -3.09 -27.27 1.41
CA VAL A 160 -3.67 -27.78 2.65
C VAL A 160 -2.78 -28.88 3.26
N ARG A 161 -2.46 -28.75 4.55
CA ARG A 161 -1.67 -29.71 5.31
C ARG A 161 -2.33 -29.85 6.68
N ASP A 162 -2.28 -31.05 7.27
CA ASP A 162 -2.77 -31.34 8.63
C ASP A 162 -2.25 -30.21 9.48
N GLY A 163 -3.16 -29.45 10.10
CA GLY A 163 -2.79 -28.27 10.90
C GLY A 163 -1.92 -28.64 12.07
N ARG A 164 -2.05 -29.87 12.54
CA ARG A 164 -1.17 -30.32 13.62
C ARG A 164 0.29 -30.26 13.16
N ALA A 165 0.50 -30.55 11.87
CA ALA A 165 1.81 -30.51 11.23
C ALA A 165 2.35 -29.08 11.05
N SER A 166 1.51 -28.21 10.49
CA SER A 166 1.85 -26.80 10.34
C SER A 166 2.09 -26.15 11.69
N VAL A 167 1.26 -26.47 12.69
CA VAL A 167 1.39 -25.81 13.99
C VAL A 167 2.64 -26.30 14.68
N HIS A 168 2.90 -27.58 14.59
CA HIS A 168 4.14 -28.13 15.14
C HIS A 168 5.35 -27.46 14.49
N SER A 169 5.25 -27.28 13.17
CA SER A 169 6.24 -26.55 12.37
C SER A 169 6.42 -25.12 12.81
N MET A 170 5.37 -24.31 12.74
CA MET A 170 5.52 -22.93 13.18
C MET A 170 6.10 -22.86 14.59
N ILE A 171 5.64 -23.73 15.50
CA ILE A 171 6.13 -23.64 16.89
C ILE A 171 7.61 -24.01 17.04
N THR A 172 8.01 -25.19 16.60
CA THR A 172 9.40 -25.61 16.83
C THR A 172 10.44 -24.84 16.02
N ARG A 173 10.05 -24.34 14.86
CA ARG A 173 10.95 -23.52 14.06
C ARG A 173 10.91 -22.06 14.47
N LYS A 174 9.90 -21.64 15.22
CA LYS A 174 9.74 -20.22 15.61
C LYS A 174 9.55 -19.32 14.39
N VAL A 175 8.59 -19.69 13.57
CA VAL A 175 8.20 -18.91 12.42
C VAL A 175 7.04 -18.06 12.87
N THR A 176 7.26 -16.73 12.87
CA THR A 176 6.35 -15.83 13.52
C THR A 176 5.26 -15.46 12.53
N ILE A 177 4.02 -15.49 12.99
CA ILE A 177 2.87 -15.07 12.23
C ILE A 177 2.02 -14.14 13.07
N ALA A 178 1.85 -12.89 12.65
CA ALA A 178 1.07 -11.88 13.43
C ALA A 178 -0.17 -12.42 14.14
N GLY A 179 -0.20 -12.28 15.46
CA GLY A 179 -1.34 -12.73 16.27
C GLY A 179 -1.25 -14.17 16.79
N PHE A 180 -0.25 -14.94 16.33
CA PHE A 180 -0.18 -16.31 16.78
C PHE A 180 0.73 -16.34 17.99
N ASP A 181 0.31 -17.03 19.04
CA ASP A 181 1.14 -17.19 20.23
C ASP A 181 1.88 -18.51 20.16
N LEU A 182 3.18 -18.43 19.90
CA LEU A 182 4.01 -19.64 19.69
C LEU A 182 4.27 -20.47 20.94
N SER A 183 3.98 -19.92 22.13
CA SER A 183 4.07 -20.69 23.36
C SER A 183 2.87 -21.62 23.55
N SER A 184 1.86 -21.52 22.69
CA SER A 184 0.65 -22.35 22.83
C SER A 184 0.17 -23.08 21.57
N TYR A 185 0.17 -24.43 21.62
CA TYR A 185 -0.39 -25.24 20.54
C TYR A 185 -1.89 -25.01 20.41
N ARG A 186 -2.57 -24.84 21.54
CA ARG A 186 -4.02 -24.66 21.50
C ARG A 186 -4.32 -23.33 20.80
N ASP A 187 -3.55 -22.29 21.11
CA ASP A 187 -3.78 -21.03 20.43
C ASP A 187 -3.46 -21.11 18.92
N CYS A 188 -2.28 -21.64 18.60
CA CYS A 188 -1.85 -21.76 17.21
C CYS A 188 -2.79 -22.64 16.35
N LEU A 189 -3.25 -23.78 16.88
CA LEU A 189 -4.23 -24.59 16.17
C LEU A 189 -5.60 -23.89 16.04
N THR A 190 -6.01 -23.19 17.10
CA THR A 190 -7.24 -22.43 17.08
C THR A 190 -7.16 -21.41 15.92
N LYS A 191 -6.03 -20.70 15.80
CA LYS A 191 -5.88 -19.74 14.70
C LYS A 191 -5.59 -20.35 13.31
N TRP A 192 -4.82 -21.43 13.23
CA TRP A 192 -4.70 -22.17 11.99
C TRP A 192 -6.11 -22.48 11.48
N ASN A 193 -6.97 -22.89 12.43
CA ASN A 193 -8.32 -23.32 12.10
C ASN A 193 -9.07 -22.19 11.43
N LYS A 194 -9.17 -21.05 12.12
CA LYS A 194 -9.74 -19.84 11.56
C LYS A 194 -9.12 -19.42 10.20
N ALA A 195 -7.80 -19.42 10.08
CA ALA A 195 -7.19 -19.02 8.79
C ALA A 195 -7.64 -19.93 7.63
N ILE A 196 -7.54 -21.25 7.79
CA ILE A 196 -7.96 -22.13 6.72
CA ILE A 196 -7.97 -22.16 6.73
C ILE A 196 -9.50 -22.17 6.50
N GLU A 197 -10.28 -21.99 7.55
CA GLU A 197 -11.72 -21.92 7.34
C GLU A 197 -12.05 -20.78 6.37
N VAL A 198 -11.39 -19.62 6.56
CA VAL A 198 -11.60 -18.50 5.68
C VAL A 198 -11.04 -18.79 4.28
N MET A 199 -9.81 -19.30 4.21
CA MET A 199 -9.18 -19.57 2.93
C MET A 199 -9.97 -20.59 2.11
N TYR A 200 -10.44 -21.64 2.78
CA TYR A 200 -11.25 -22.65 2.13
C TYR A 200 -12.62 -22.10 1.70
N ALA A 201 -13.26 -21.28 2.53
CA ALA A 201 -14.51 -20.64 2.08
C ALA A 201 -14.28 -19.83 0.76
N GLN A 202 -13.16 -19.11 0.65
CA GLN A 202 -12.84 -18.34 -0.56
C GLN A 202 -12.65 -19.22 -1.81
N CYS A 203 -11.81 -20.24 -1.65
CA CYS A 203 -11.57 -21.26 -2.67
C CYS A 203 -12.88 -21.84 -3.22
N MET A 204 -13.76 -22.25 -2.31
CA MET A 204 -15.07 -22.79 -2.70
C MET A 204 -15.86 -21.78 -3.51
N GLU A 205 -15.88 -20.54 -3.03
CA GLU A 205 -16.61 -19.46 -3.68
C GLU A 205 -16.13 -19.08 -5.10
N VAL A 206 -14.82 -19.16 -5.38
CA VAL A 206 -14.38 -18.94 -6.74
C VAL A 206 -14.65 -20.18 -7.60
N GLY A 207 -14.67 -21.36 -6.97
CA GLY A 207 -15.06 -22.59 -7.64
C GLY A 207 -13.96 -23.46 -8.25
N LYS A 208 -14.38 -24.65 -8.65
CA LYS A 208 -13.56 -25.71 -9.24
C LYS A 208 -12.62 -25.28 -10.38
N GLU A 209 -13.14 -24.45 -11.28
CA GLU A 209 -12.39 -24.04 -12.47
CA GLU A 209 -12.39 -24.05 -12.47
C GLU A 209 -11.25 -23.10 -12.11
N LYS A 210 -11.41 -22.35 -11.01
CA LYS A 210 -10.47 -21.29 -10.64
C LYS A 210 -9.60 -21.53 -9.37
N CYS A 211 -10.08 -22.36 -8.44
CA CYS A 211 -9.27 -22.68 -7.25
C CYS A 211 -9.19 -24.17 -6.98
N LEU A 212 -7.98 -24.68 -6.86
CA LEU A 212 -7.77 -26.10 -6.56
C LEU A 212 -7.05 -26.33 -5.20
N PRO A 213 -7.70 -27.05 -4.26
CA PRO A 213 -6.98 -27.38 -3.04
C PRO A 213 -5.96 -28.46 -3.35
N VAL A 214 -4.78 -28.31 -2.79
CA VAL A 214 -3.77 -29.32 -2.99
C VAL A 214 -3.32 -29.78 -1.61
N TYR A 215 -3.50 -31.06 -1.34
CA TYR A 215 -3.03 -31.66 -0.10
C TYR A 215 -1.51 -31.85 -0.07
N TYR A 216 -0.85 -31.23 0.91
CA TYR A 216 0.60 -31.35 1.07
C TYR A 216 1.04 -32.80 1.14
N GLU A 217 0.36 -33.62 1.95
CA GLU A 217 0.78 -35.02 2.11
C GLU A 217 0.59 -35.82 0.85
N GLN A 218 -0.44 -35.52 0.07
CA GLN A 218 -0.65 -36.26 -1.16
C GLN A 218 0.40 -35.81 -2.18
N LEU A 219 0.70 -34.52 -2.16
CA LEU A 219 1.78 -33.98 -2.94
C LEU A 219 3.12 -34.65 -2.61
N VAL A 220 3.38 -34.91 -1.32
CA VAL A 220 4.68 -35.47 -0.94
C VAL A 220 4.79 -36.97 -1.26
N LEU A 221 3.70 -37.70 -0.99
CA LEU A 221 3.66 -39.13 -1.25
C LEU A 221 3.59 -39.46 -2.75
N HIS A 222 3.03 -38.53 -3.53
CA HIS A 222 2.64 -38.84 -4.93
C HIS A 222 2.93 -37.67 -5.87
N PRO A 223 4.17 -37.23 -5.92
CA PRO A 223 4.41 -36.00 -6.62
C PRO A 223 4.04 -36.03 -8.09
N ARG A 224 4.31 -37.15 -8.78
CA ARG A 224 4.01 -37.24 -10.23
C ARG A 224 2.54 -37.02 -10.56
N ARG A 225 1.69 -37.80 -9.91
CA ARG A 225 0.25 -37.71 -10.09
C ARG A 225 -0.27 -36.32 -9.67
N SER A 226 0.20 -35.79 -8.54
CA SER A 226 -0.14 -34.46 -8.05
C SER A 226 0.13 -33.39 -9.10
N LEU A 227 1.38 -33.32 -9.57
CA LEU A 227 1.76 -32.30 -10.55
C LEU A 227 1.07 -32.49 -11.93
N LYS A 228 0.79 -33.73 -12.32
CA LYS A 228 -0.01 -33.96 -13.51
C LYS A 228 -1.36 -33.33 -13.38
N LEU A 229 -1.99 -33.49 -12.21
CA LEU A 229 -3.34 -32.98 -11.98
CA LEU A 229 -3.35 -32.97 -12.00
C LEU A 229 -3.32 -31.47 -11.80
N ILE A 230 -2.24 -30.97 -11.23
CA ILE A 230 -2.10 -29.55 -11.00
C ILE A 230 -1.89 -28.82 -12.33
N LEU A 231 -0.96 -29.30 -13.15
CA LEU A 231 -0.67 -28.72 -14.46
C LEU A 231 -1.86 -28.79 -15.39
N ASP A 232 -2.62 -29.88 -15.36
CA ASP A 232 -3.86 -29.96 -16.13
CA ASP A 232 -3.85 -29.96 -16.13
C ASP A 232 -4.76 -28.79 -15.74
N PHE A 233 -5.20 -28.79 -14.48
CA PHE A 233 -6.07 -27.76 -13.87
C PHE A 233 -5.68 -26.35 -14.31
N LEU A 234 -4.37 -26.07 -14.31
CA LEU A 234 -3.83 -24.81 -14.81
C LEU A 234 -3.72 -24.71 -16.35
N GLY A 235 -3.93 -25.81 -17.07
CA GLY A 235 -3.84 -25.76 -18.53
C GLY A 235 -2.43 -25.42 -18.97
N ILE A 236 -1.46 -26.00 -18.26
CA ILE A 236 -0.07 -25.99 -18.69
C ILE A 236 0.36 -27.41 -19.10
N ALA A 237 1.03 -27.49 -20.24
CA ALA A 237 1.56 -28.76 -20.73
C ALA A 237 2.50 -29.34 -19.68
N TRP A 238 2.46 -30.65 -19.53
CA TRP A 238 3.32 -31.38 -18.59
C TRP A 238 4.77 -31.01 -18.89
N SER A 239 5.59 -31.03 -17.84
CA SER A 239 7.05 -31.03 -18.02
C SER A 239 7.69 -31.82 -16.90
N ASP A 240 8.71 -32.60 -17.25
CA ASP A 240 9.32 -33.48 -16.28
C ASP A 240 10.08 -32.73 -15.21
N ALA A 241 10.43 -31.49 -15.51
CA ALA A 241 11.31 -30.76 -14.60
C ALA A 241 10.62 -30.38 -13.26
N VAL A 242 9.29 -30.38 -13.23
CA VAL A 242 8.55 -30.19 -11.98
C VAL A 242 8.95 -31.22 -10.91
N LEU A 243 9.37 -32.39 -11.36
CA LEU A 243 9.80 -33.44 -10.43
C LEU A 243 11.29 -33.38 -10.11
N HIS A 244 11.97 -32.33 -10.56
CA HIS A 244 13.41 -32.20 -10.37
C HIS A 244 13.77 -30.79 -9.93
N HIS A 245 12.93 -30.19 -9.09
CA HIS A 245 13.12 -28.79 -8.72
C HIS A 245 14.50 -28.57 -8.11
N GLU A 246 15.03 -29.54 -7.38
CA GLU A 246 16.33 -29.34 -6.70
C GLU A 246 17.53 -29.21 -7.61
N ASP A 247 17.38 -29.58 -8.88
CA ASP A 247 18.46 -29.41 -9.88
C ASP A 247 18.45 -28.03 -10.55
N LEU A 248 17.48 -27.21 -10.17
CA LEU A 248 17.23 -25.93 -10.86
C LEU A 248 17.32 -24.72 -9.94
N ILE A 249 17.90 -24.91 -8.76
CA ILE A 249 18.05 -23.84 -7.80
C ILE A 249 19.17 -22.90 -8.20
N GLY A 250 18.80 -21.62 -8.40
CA GLY A 250 19.74 -20.56 -8.76
C GLY A 250 20.00 -20.48 -10.25
N LYS A 251 19.29 -21.30 -11.03
CA LYS A 251 19.56 -21.47 -12.45
C LYS A 251 18.57 -20.72 -13.36
N PRO A 252 19.07 -20.16 -14.47
CA PRO A 252 18.25 -19.55 -15.51
C PRO A 252 16.94 -20.30 -15.69
N GLY A 253 15.81 -19.61 -15.54
CA GLY A 253 14.49 -20.25 -15.76
C GLY A 253 14.17 -21.23 -14.62
N GLY A 254 15.04 -21.24 -13.62
CA GLY A 254 14.93 -22.15 -12.49
C GLY A 254 14.36 -21.44 -11.28
N VAL A 255 14.81 -21.90 -10.11
CA VAL A 255 14.15 -21.62 -8.82
C VAL A 255 14.94 -20.62 -8.00
N SER A 256 14.42 -19.42 -7.86
CA SER A 256 15.11 -18.43 -7.03
C SER A 256 14.70 -18.62 -5.55
N LEU A 257 15.70 -18.77 -4.70
CA LEU A 257 15.49 -18.89 -3.27
C LEU A 257 16.06 -17.70 -2.49
N SER A 258 15.22 -17.10 -1.65
CA SER A 258 15.73 -16.14 -0.66
C SER A 258 16.42 -16.92 0.47
N LYS A 259 17.63 -16.54 0.85
CA LYS A 259 18.30 -17.28 1.93
C LYS A 259 17.80 -16.99 3.36
N ILE A 260 16.80 -16.13 3.49
CA ILE A 260 16.32 -15.79 4.81
C ILE A 260 14.84 -16.12 5.02
N GLU A 261 14.19 -16.64 3.98
CA GLU A 261 12.89 -17.28 4.14
C GLU A 261 13.07 -18.61 4.86
N ARG A 262 12.16 -18.92 5.77
CA ARG A 262 12.28 -20.06 6.66
C ARG A 262 12.15 -21.43 5.98
N SER A 263 11.53 -21.50 4.80
CA SER A 263 11.42 -22.78 4.09
C SER A 263 12.64 -23.18 3.25
N THR A 264 13.59 -22.28 3.07
CA THR A 264 14.69 -22.50 2.09
C THR A 264 15.52 -23.77 2.32
N ASP A 265 15.96 -24.00 3.56
CA ASP A 265 16.76 -25.20 3.82
CA ASP A 265 16.74 -25.19 3.87
C ASP A 265 15.97 -26.46 3.53
N GLN A 266 14.63 -26.38 3.47
CA GLN A 266 13.89 -27.59 3.18
C GLN A 266 13.67 -27.80 1.71
N VAL A 267 13.61 -26.71 0.96
CA VAL A 267 13.14 -26.77 -0.42
CA VAL A 267 13.14 -26.82 -0.40
C VAL A 267 14.28 -27.10 -1.41
N ILE A 268 15.52 -26.96 -0.95
CA ILE A 268 16.71 -27.29 -1.75
C ILE A 268 16.83 -28.78 -2.02
N LYS A 269 16.20 -29.59 -1.18
CA LYS A 269 16.19 -31.05 -1.38
C LYS A 269 15.06 -31.44 -2.28
N PRO A 270 15.12 -32.65 -2.85
CA PRO A 270 14.04 -33.21 -3.64
C PRO A 270 12.85 -33.49 -2.75
N VAL A 271 11.67 -33.65 -3.34
CA VAL A 271 10.49 -34.01 -2.58
C VAL A 271 10.85 -35.28 -1.79
N ASN A 272 10.84 -35.16 -0.47
CA ASN A 272 11.08 -36.27 0.44
C ASN A 272 9.99 -36.40 1.54
N LEU A 273 10.09 -37.46 2.32
CA LEU A 273 9.05 -37.96 3.20
C LEU A 273 9.17 -37.55 4.67
N GLU A 274 10.28 -36.94 5.05
CA GLU A 274 10.58 -36.84 6.49
C GLU A 274 9.58 -36.07 7.34
N ALA A 275 8.83 -35.16 6.71
CA ALA A 275 8.13 -34.12 7.43
C ALA A 275 6.65 -34.37 7.56
N LEU A 276 6.14 -35.49 7.09
CA LEU A 276 4.68 -35.68 7.07
C LEU A 276 4.02 -35.86 8.43
N SER A 277 4.71 -36.60 9.29
CA SER A 277 4.17 -37.27 10.44
C SER A 277 4.95 -36.97 11.71
N LYS A 278 6.11 -36.31 11.57
CA LYS A 278 6.97 -36.05 12.71
C LYS A 278 6.30 -35.22 13.84
N TRP A 279 5.22 -34.48 13.52
CA TRP A 279 4.43 -33.80 14.56
C TRP A 279 3.90 -34.74 15.67
N THR A 280 3.55 -35.98 15.31
CA THR A 280 2.92 -36.92 16.25
C THR A 280 3.70 -37.11 17.56
N GLY A 281 3.00 -37.01 18.68
CA GLY A 281 3.63 -37.17 19.99
C GLY A 281 4.24 -35.90 20.56
N HIS A 282 4.18 -34.79 19.84
CA HIS A 282 4.78 -33.54 20.34
C HIS A 282 3.72 -32.49 20.64
N ILE A 283 2.48 -32.96 20.73
CA ILE A 283 1.34 -32.15 21.04
C ILE A 283 0.89 -32.45 22.47
N PRO A 284 0.66 -31.40 23.27
CA PRO A 284 0.33 -31.62 24.68
C PRO A 284 -0.98 -32.39 24.76
N GLY A 285 -1.05 -33.32 25.73
CA GLY A 285 -2.16 -34.27 25.83
C GLY A 285 -3.52 -33.61 25.89
N ASP A 286 -3.60 -32.44 26.51
CA ASP A 286 -4.90 -31.78 26.62
C ASP A 286 -5.39 -31.30 25.26
N VAL A 287 -4.46 -31.00 24.36
CA VAL A 287 -4.83 -30.45 23.07
C VAL A 287 -5.23 -31.63 22.17
N VAL A 288 -4.44 -32.69 22.25
CA VAL A 288 -4.81 -33.97 21.66
C VAL A 288 -6.27 -34.27 21.98
N ARG A 289 -6.61 -34.19 23.25
CA ARG A 289 -7.95 -34.49 23.70
C ARG A 289 -9.03 -33.58 23.09
N ASP A 290 -8.77 -32.27 23.00
CA ASP A 290 -9.76 -31.29 22.50
C ASP A 290 -9.69 -31.02 21.00
N MET A 291 -8.78 -31.72 20.32
CA MET A 291 -8.51 -31.50 18.91
C MET A 291 -9.76 -31.25 18.05
N ALA A 292 -10.89 -31.87 18.40
CA ALA A 292 -12.13 -31.70 17.64
C ALA A 292 -12.85 -30.39 17.91
N GLN A 293 -12.81 -29.89 19.16
CA GLN A 293 -13.42 -28.57 19.46
C GLN A 293 -12.51 -27.52 18.86
N ILE A 294 -11.21 -27.76 19.04
CA ILE A 294 -10.20 -26.77 18.71
C ILE A 294 -10.07 -26.55 17.21
N ALA A 295 -10.08 -27.62 16.43
CA ALA A 295 -9.86 -27.51 15.01
C ALA A 295 -10.88 -28.30 14.15
N PRO A 296 -12.16 -27.90 14.20
CA PRO A 296 -13.17 -28.64 13.43
C PRO A 296 -12.90 -28.68 11.91
N MET A 297 -11.97 -27.86 11.43
CA MET A 297 -11.53 -27.84 10.03
C MET A 297 -10.72 -29.06 9.66
N LEU A 298 -10.12 -29.72 10.65
CA LEU A 298 -9.46 -31.01 10.40
C LEU A 298 -10.44 -31.99 9.77
N ALA A 299 -11.52 -32.31 10.49
CA ALA A 299 -12.53 -33.25 9.95
C ALA A 299 -13.03 -32.80 8.57
N GLN A 300 -13.37 -31.51 8.46
CA GLN A 300 -14.03 -30.98 7.27
C GLN A 300 -13.15 -31.14 6.05
N LEU A 301 -11.84 -31.17 6.26
CA LEU A 301 -10.85 -31.31 5.18
C LEU A 301 -10.37 -32.74 4.96
N GLY A 302 -10.81 -33.68 5.79
CA GLY A 302 -10.43 -35.07 5.63
C GLY A 302 -9.31 -35.59 6.51
N TYR A 303 -8.82 -34.76 7.45
CA TYR A 303 -7.90 -35.22 8.50
C TYR A 303 -8.69 -35.63 9.73
N ASP A 304 -8.62 -36.90 10.11
CA ASP A 304 -9.27 -37.35 11.33
C ASP A 304 -8.60 -36.81 12.63
N PRO A 305 -9.35 -35.97 13.37
CA PRO A 305 -8.84 -35.24 14.54
C PRO A 305 -8.53 -36.15 15.73
N TYR A 306 -9.05 -37.38 15.70
CA TYR A 306 -8.75 -38.34 16.76
C TYR A 306 -7.72 -39.39 16.33
N ALA A 307 -7.43 -39.42 15.04
CA ALA A 307 -6.34 -40.22 14.54
C ALA A 307 -5.09 -39.45 14.81
N ASN A 308 -4.18 -40.09 15.51
CA ASN A 308 -3.09 -39.34 16.04
C ASN A 308 -1.88 -40.24 15.89
N PRO A 309 -1.33 -40.35 14.65
CA PRO A 309 -1.62 -39.62 13.39
C PRO A 309 -2.61 -40.31 12.47
N PRO A 310 -3.07 -39.62 11.42
CA PRO A 310 -3.77 -40.38 10.37
C PRO A 310 -2.78 -41.22 9.56
N ASN A 311 -3.29 -42.18 8.78
CA ASN A 311 -2.50 -42.87 7.76
C ASN A 311 -2.56 -41.96 6.54
N TYR A 312 -1.47 -41.26 6.25
CA TYR A 312 -1.52 -40.35 5.11
C TYR A 312 -1.46 -41.15 3.82
N GLY A 313 -0.99 -42.40 3.91
CA GLY A 313 -0.89 -43.25 2.74
C GLY A 313 0.51 -43.72 2.44
N ASN A 314 0.69 -44.23 1.21
CA ASN A 314 1.94 -44.90 0.85
C ASN A 314 2.68 -44.18 -0.27
N PRO A 315 4.02 -44.07 -0.15
CA PRO A 315 4.81 -43.27 -1.07
C PRO A 315 5.12 -43.96 -2.41
N ASP A 316 5.27 -43.19 -3.46
CA ASP A 316 5.79 -43.71 -4.72
C ASP A 316 7.28 -44.00 -4.54
N PRO A 317 7.76 -45.10 -5.15
CA PRO A 317 9.19 -45.40 -5.15
C PRO A 317 10.05 -44.15 -5.40
N PHE A 318 9.65 -43.31 -6.35
CA PHE A 318 10.33 -42.01 -6.61
C PHE A 318 10.65 -41.22 -5.32
N VAL A 319 9.64 -41.00 -4.49
CA VAL A 319 9.82 -40.29 -3.21
C VAL A 319 10.70 -41.03 -2.21
N ILE A 320 10.57 -42.34 -2.18
CA ILE A 320 11.40 -43.18 -1.31
C ILE A 320 12.86 -42.99 -1.70
N ASN A 321 13.16 -43.13 -3.00
CA ASN A 321 14.52 -42.89 -3.50
C ASN A 321 15.05 -41.49 -3.20
N ASN A 322 14.26 -40.45 -3.52
CA ASN A 322 14.59 -39.07 -3.10
C ASN A 322 14.96 -38.98 -1.62
N THR A 323 14.16 -39.62 -0.76
CA THR A 323 14.43 -39.58 0.69
C THR A 323 15.77 -40.27 1.05
N GLN A 324 16.01 -41.47 0.53
CA GLN A 324 17.32 -42.13 0.68
C GLN A 324 18.48 -41.24 0.19
N ARG A 325 18.33 -40.56 -0.94
CA ARG A 325 19.36 -39.60 -1.38
C ARG A 325 19.62 -38.48 -0.39
N VAL A 326 18.58 -38.03 0.29
CA VAL A 326 18.71 -36.98 1.29
C VAL A 326 19.55 -37.46 2.50
N LEU A 327 19.28 -38.69 2.93
CA LEU A 327 19.92 -39.28 4.09
C LEU A 327 21.38 -39.58 3.78
N LYS A 328 21.63 -39.98 2.54
CA LYS A 328 22.98 -40.16 2.05
C LYS A 328 23.80 -38.86 2.06
N GLY A 329 23.13 -37.72 2.05
CA GLY A 329 23.77 -36.41 2.28
C GLY A 329 24.19 -35.69 1.00
N ASP A 330 23.43 -35.92 -0.07
CA ASP A 330 23.75 -35.35 -1.38
C ASP A 330 23.28 -33.89 -1.55
N TYR A 331 23.12 -33.16 -0.43
CA TYR A 331 22.60 -31.77 -0.39
C TYR A 331 23.16 -30.93 0.76
N LEU B 30 -2.94 3.60 -20.38
CA LEU B 30 -2.36 4.93 -20.70
C LEU B 30 -3.42 6.02 -20.87
N VAL B 31 -4.60 5.68 -21.40
CA VAL B 31 -5.60 6.73 -21.72
C VAL B 31 -6.52 7.09 -20.55
N MET B 32 -6.60 8.39 -20.24
CA MET B 32 -7.59 8.89 -19.27
C MET B 32 -8.93 8.92 -20.00
N VAL B 33 -9.86 8.05 -19.58
CA VAL B 33 -11.24 7.96 -20.11
C VAL B 33 -11.88 6.63 -19.72
N VAL B 38 -9.77 15.86 -27.96
CA VAL B 38 -8.38 15.78 -27.51
C VAL B 38 -8.25 14.64 -26.51
N GLU B 39 -7.23 13.81 -26.70
CA GLU B 39 -7.05 12.59 -25.90
C GLU B 39 -5.74 12.58 -25.12
N TYR B 40 -5.83 12.98 -23.85
CA TYR B 40 -4.69 12.99 -22.97
C TYR B 40 -4.42 11.58 -22.49
N ARG B 41 -3.15 11.20 -22.57
CA ARG B 41 -2.72 9.94 -22.05
C ARG B 41 -1.89 10.21 -20.79
N TYR B 42 -2.11 9.38 -19.77
CA TYR B 42 -1.41 9.51 -18.49
C TYR B 42 -0.21 8.58 -18.41
N GLY B 43 0.86 9.05 -17.79
CA GLY B 43 2.10 8.31 -17.77
C GLY B 43 3.18 8.99 -16.95
N LYS B 44 4.23 8.23 -16.66
CA LYS B 44 5.25 8.61 -15.71
C LYS B 44 5.90 9.97 -16.02
N ALA B 45 5.93 10.31 -17.30
CA ALA B 45 6.63 11.49 -17.82
C ALA B 45 5.74 12.74 -17.91
N MET B 46 4.43 12.53 -17.76
CA MET B 46 3.46 13.62 -17.80
C MET B 46 3.75 14.75 -16.79
N PRO B 47 3.36 16.00 -17.16
CA PRO B 47 3.37 17.15 -16.25
C PRO B 47 2.33 16.98 -15.14
N LEU B 48 2.78 17.21 -13.92
CA LEU B 48 2.01 16.92 -12.72
C LEU B 48 2.28 17.94 -11.68
N ILE B 49 1.22 18.30 -10.97
CA ILE B 49 1.33 19.23 -9.86
C ILE B 49 0.91 18.60 -8.54
N PHE B 50 1.84 18.55 -7.61
CA PHE B 50 1.52 18.10 -6.25
C PHE B 50 1.41 19.31 -5.36
N VAL B 51 0.21 19.53 -4.79
CA VAL B 51 0.03 20.52 -3.74
C VAL B 51 -0.03 19.86 -2.35
N GLY B 52 0.60 20.51 -1.37
CA GLY B 52 0.52 20.01 0.00
C GLY B 52 1.03 20.95 1.04
N GLY B 53 1.27 20.40 2.23
CA GLY B 53 1.75 21.16 3.38
C GLY B 53 1.08 20.61 4.62
N VAL B 54 1.37 21.18 5.78
CA VAL B 54 0.69 20.70 6.98
C VAL B 54 -0.80 21.07 6.89
N PRO B 55 -1.69 20.14 7.18
CA PRO B 55 -3.12 20.52 7.04
C PRO B 55 -3.53 21.82 7.79
N ARG B 56 -4.63 22.42 7.32
CA ARG B 56 -5.02 23.77 7.75
C ARG B 56 -3.94 24.81 7.43
N SER B 57 -3.38 24.71 6.24
CA SER B 57 -2.39 25.67 5.73
C SER B 57 -2.78 26.33 4.39
N GLY B 58 -4.08 26.33 4.06
CA GLY B 58 -4.54 26.88 2.79
C GLY B 58 -4.36 25.96 1.59
N THR B 59 -4.12 24.66 1.84
CA THR B 59 -3.92 23.69 0.75
C THR B 59 -5.15 23.49 -0.15
N THR B 60 -6.36 23.48 0.43
CA THR B 60 -7.57 23.29 -0.38
C THR B 60 -7.82 24.54 -1.20
N LEU B 61 -7.74 25.70 -0.57
CA LEU B 61 -7.86 26.94 -1.28
C LEU B 61 -6.95 26.95 -2.51
N MET B 62 -5.66 26.61 -2.32
CA MET B 62 -4.67 26.59 -3.40
C MET B 62 -5.10 25.67 -4.55
N ARG B 63 -5.54 24.47 -4.21
CA ARG B 63 -5.89 23.54 -5.27
C ARG B 63 -7.21 23.90 -5.93
N ALA B 64 -8.11 24.57 -5.21
CA ALA B 64 -9.38 25.02 -5.77
C ALA B 64 -9.12 26.17 -6.76
N MET B 65 -8.15 27.01 -6.43
CA MET B 65 -7.73 28.06 -7.34
C MET B 65 -7.08 27.47 -8.60
N LEU B 66 -6.23 26.45 -8.44
CA LEU B 66 -5.70 25.74 -9.61
C LEU B 66 -6.80 25.01 -10.39
N ASP B 67 -7.76 24.40 -9.68
CA ASP B 67 -8.85 23.68 -10.36
C ASP B 67 -9.63 24.62 -11.29
N ALA B 68 -9.75 25.89 -10.88
CA ALA B 68 -10.50 26.91 -11.63
C ALA B 68 -9.97 27.15 -13.05
N HIS B 69 -8.70 26.86 -13.25
CA HIS B 69 -8.05 27.01 -14.52
C HIS B 69 -8.50 25.90 -15.48
N PRO B 70 -9.02 26.28 -16.66
CA PRO B 70 -9.55 25.24 -17.57
C PRO B 70 -8.56 24.12 -17.97
N GLU B 71 -7.26 24.35 -17.83
CA GLU B 71 -6.25 23.38 -18.22
C GLU B 71 -5.69 22.51 -17.07
N VAL B 72 -6.22 22.70 -15.85
CA VAL B 72 -5.73 22.05 -14.63
C VAL B 72 -6.86 21.31 -13.94
N ARG B 73 -6.57 20.10 -13.45
CA ARG B 73 -7.48 19.42 -12.51
C ARG B 73 -6.74 18.76 -11.31
N CYS B 74 -7.12 19.16 -10.09
CA CYS B 74 -6.58 18.55 -8.86
C CYS B 74 -7.63 17.66 -8.22
N GLY B 75 -8.81 18.22 -7.99
CA GLY B 75 -9.90 17.46 -7.40
C GLY B 75 -9.68 17.22 -5.92
N GLU B 76 -10.47 16.32 -5.35
CA GLU B 76 -10.42 16.10 -3.93
C GLU B 76 -9.16 15.39 -3.42
N GLU B 77 -9.04 15.35 -2.10
CA GLU B 77 -7.99 14.61 -1.42
C GLU B 77 -8.24 13.13 -1.66
N THR B 78 -7.30 12.43 -2.29
CA THR B 78 -7.46 10.98 -2.51
C THR B 78 -7.36 10.13 -1.20
N ARG B 79 -6.61 10.64 -0.21
CA ARG B 79 -6.41 10.01 1.12
C ARG B 79 -5.52 8.78 1.08
N ILE B 80 -5.66 7.95 0.04
CA ILE B 80 -4.89 6.72 -0.07
C ILE B 80 -3.47 6.92 -0.60
N ILE B 81 -3.25 8.02 -1.31
CA ILE B 81 -1.90 8.29 -1.79
C ILE B 81 -0.95 8.53 -0.62
N PRO B 82 -1.34 9.38 0.34
CA PRO B 82 -0.47 9.53 1.50
C PRO B 82 -0.20 8.19 2.23
N ARG B 83 -1.19 7.32 2.32
CA ARG B 83 -1.02 6.00 2.94
C ARG B 83 0.02 5.13 2.24
N VAL B 84 -0.08 4.94 0.93
CA VAL B 84 0.93 4.13 0.22
C VAL B 84 2.34 4.71 0.30
N LEU B 85 2.44 6.04 0.40
CA LEU B 85 3.75 6.69 0.53
C LEU B 85 4.36 6.42 1.91
N ALA B 86 3.54 6.54 2.96
CA ALA B 86 3.95 6.26 4.33
C ALA B 86 4.42 4.81 4.42
N MET B 87 3.65 3.89 3.84
CA MET B 87 4.06 2.51 3.68
C MET B 87 5.45 2.43 3.06
N ARG B 88 5.61 3.03 1.89
CA ARG B 88 6.90 3.08 1.22
C ARG B 88 8.00 3.63 2.10
N GLN B 89 7.75 4.77 2.75
CA GLN B 89 8.74 5.37 3.66
C GLN B 89 9.11 4.47 4.86
N ALA B 90 8.17 3.61 5.27
CA ALA B 90 8.39 2.59 6.32
C ALA B 90 9.38 1.50 5.87
N TRP B 91 9.04 0.74 4.81
CA TRP B 91 9.92 -0.33 4.28
C TRP B 91 11.33 0.10 3.87
N SER B 92 11.61 1.40 3.92
CA SER B 92 12.95 1.93 3.65
C SER B 92 13.82 1.96 4.91
N LYS B 93 13.33 2.65 5.95
CA LYS B 93 14.08 2.77 7.20
C LYS B 93 14.36 1.38 7.79
N SER B 94 13.30 0.58 7.96
CA SER B 94 13.41 -0.76 8.57
C SER B 94 14.38 -1.68 7.82
N GLY B 95 15.55 -1.94 8.44
CA GLY B 95 16.61 -2.79 7.87
C GLY B 95 16.15 -4.21 7.63
N ARG B 96 15.65 -4.86 8.67
CA ARG B 96 15.18 -6.27 8.59
C ARG B 96 14.20 -6.46 7.43
N GLU B 97 13.25 -5.56 7.31
CA GLU B 97 12.22 -5.59 6.27
C GLU B 97 12.79 -5.38 4.84
N LYS B 98 13.69 -4.40 4.71
CA LYS B 98 14.29 -4.04 3.43
C LYS B 98 15.15 -5.20 2.90
N LEU B 99 15.87 -5.85 3.83
CA LEU B 99 16.72 -6.98 3.50
C LEU B 99 15.92 -8.13 2.97
N ARG B 100 14.74 -8.34 3.55
CA ARG B 100 13.84 -9.40 3.15
C ARG B 100 13.27 -9.13 1.77
N LEU B 101 12.89 -7.88 1.51
CA LEU B 101 12.36 -7.49 0.21
C LEU B 101 13.41 -7.58 -0.89
N ASP B 102 14.66 -7.20 -0.57
CA ASP B 102 15.76 -7.27 -1.53
C ASP B 102 16.00 -8.71 -1.94
N GLU B 103 16.11 -9.58 -0.93
CA GLU B 103 16.38 -11.00 -1.16
C GLU B 103 15.25 -11.70 -1.89
N ALA B 104 14.08 -11.05 -1.95
CA ALA B 104 12.93 -11.56 -2.71
C ALA B 104 12.86 -10.96 -4.11
N GLY B 105 13.82 -10.09 -4.41
CA GLY B 105 13.83 -9.37 -5.69
C GLY B 105 12.83 -8.23 -5.74
N VAL B 106 12.23 -7.89 -4.61
CA VAL B 106 11.37 -6.71 -4.56
C VAL B 106 12.29 -5.51 -4.22
N THR B 107 13.04 -5.06 -5.24
CA THR B 107 14.06 -4.02 -5.07
C THR B 107 13.42 -2.64 -5.14
N ASP B 108 14.20 -1.57 -4.92
CA ASP B 108 13.76 -0.18 -5.22
C ASP B 108 13.16 -0.03 -6.61
N GLU B 109 13.86 -0.51 -7.64
CA GLU B 109 13.33 -0.54 -9.00
C GLU B 109 11.88 -1.05 -9.11
N VAL B 110 11.54 -2.12 -8.36
CA VAL B 110 10.22 -2.77 -8.44
C VAL B 110 9.21 -2.02 -7.61
N LEU B 111 9.63 -1.65 -6.41
CA LEU B 111 8.75 -0.90 -5.52
C LEU B 111 8.37 0.40 -6.21
N ASP B 112 9.38 1.11 -6.75
CA ASP B 112 9.13 2.39 -7.40
C ASP B 112 8.21 2.22 -8.59
N ALA B 113 8.41 1.15 -9.37
CA ALA B 113 7.50 0.92 -10.51
C ALA B 113 6.07 0.69 -10.03
N ALA B 114 5.94 0.02 -8.89
CA ALA B 114 4.63 -0.34 -8.38
C ALA B 114 3.96 0.93 -7.85
N MET B 115 4.73 1.70 -7.10
CA MET B 115 4.24 2.93 -6.54
C MET B 115 3.75 3.84 -7.68
N GLN B 116 4.63 4.06 -8.66
CA GLN B 116 4.36 4.90 -9.85
C GLN B 116 3.00 4.59 -10.41
N ALA B 117 2.75 3.32 -10.65
CA ALA B 117 1.57 2.87 -11.35
C ALA B 117 0.31 3.04 -10.52
N PHE B 118 0.43 2.79 -9.20
CA PHE B 118 -0.67 2.96 -8.26
C PHE B 118 -1.05 4.45 -8.23
N ILE B 119 -0.03 5.28 -8.13
CA ILE B 119 -0.26 6.71 -7.98
C ILE B 119 -0.84 7.27 -9.26
N LEU B 120 -0.21 6.95 -10.39
CA LEU B 120 -0.73 7.42 -11.68
C LEU B 120 -2.20 7.12 -11.86
N GLU B 121 -2.60 5.88 -11.55
CA GLU B 121 -3.99 5.41 -11.62
C GLU B 121 -4.94 6.18 -10.74
N VAL B 122 -4.52 6.48 -9.52
CA VAL B 122 -5.42 7.17 -8.58
C VAL B 122 -5.60 8.62 -9.08
N ILE B 123 -4.48 9.27 -9.35
CA ILE B 123 -4.45 10.67 -9.77
C ILE B 123 -5.26 10.83 -11.05
N ALA B 124 -4.98 9.96 -12.03
CA ALA B 124 -5.58 10.03 -13.36
C ALA B 124 -7.06 9.64 -13.39
N LYS B 125 -7.50 8.76 -12.51
CA LYS B 125 -8.83 8.24 -12.70
C LYS B 125 -9.86 8.77 -11.72
N HIS B 126 -9.42 9.49 -10.69
CA HIS B 126 -10.37 9.92 -9.64
C HIS B 126 -11.16 11.21 -9.96
N GLY B 127 -10.73 11.97 -10.98
CA GLY B 127 -11.52 13.10 -11.51
C GLY B 127 -11.54 13.22 -13.05
N GLU B 128 -12.21 14.26 -13.56
CA GLU B 128 -12.25 14.49 -15.00
C GLU B 128 -10.83 14.72 -15.54
N PRO B 129 -10.62 14.46 -16.84
CA PRO B 129 -9.31 14.63 -17.48
C PRO B 129 -8.99 16.10 -17.79
N ALA B 130 -7.72 16.42 -17.96
CA ALA B 130 -7.27 17.77 -18.34
C ALA B 130 -5.82 17.75 -18.73
N ARG B 131 -5.37 18.74 -19.49
CA ARG B 131 -3.96 18.75 -19.91
C ARG B 131 -2.95 18.63 -18.76
N VAL B 132 -3.25 19.26 -17.62
CA VAL B 132 -2.31 19.25 -16.49
C VAL B 132 -2.99 18.63 -15.27
N LEU B 133 -2.51 17.47 -14.85
CA LEU B 133 -3.12 16.78 -13.73
C LEU B 133 -2.45 17.20 -12.43
N CYS B 134 -3.25 17.22 -11.37
CA CYS B 134 -2.75 17.70 -10.12
C CYS B 134 -3.29 16.89 -8.95
N ASN B 135 -2.53 16.83 -7.86
CA ASN B 135 -2.97 16.17 -6.65
C ASN B 135 -2.73 17.04 -5.41
N LYS B 136 -3.77 17.20 -4.61
CA LYS B 136 -3.57 17.73 -3.27
C LYS B 136 -3.98 16.71 -2.20
N ASP B 137 -2.97 16.30 -1.42
CA ASP B 137 -3.12 15.51 -0.20
C ASP B 137 -2.02 16.04 0.68
N PRO B 138 -2.38 16.72 1.78
CA PRO B 138 -1.42 17.49 2.56
C PRO B 138 -0.04 16.89 2.81
N PHE B 139 0.01 15.63 3.22
CA PHE B 139 1.30 15.10 3.64
C PHE B 139 2.19 14.55 2.53
N THR B 140 1.63 14.35 1.34
CA THR B 140 2.46 13.92 0.20
C THR B 140 3.75 14.73 0.12
N LEU B 141 3.74 15.94 0.65
CA LEU B 141 4.90 16.81 0.53
C LEU B 141 6.05 16.43 1.48
N LYS B 142 5.89 15.30 2.19
CA LYS B 142 6.96 14.77 3.02
C LYS B 142 7.88 13.93 2.14
N SER B 143 7.36 13.61 0.95
CA SER B 143 8.08 12.75 0.02
C SER B 143 8.22 13.39 -1.36
N SER B 144 8.44 14.70 -1.39
CA SER B 144 8.55 15.40 -2.66
C SER B 144 9.84 14.98 -3.38
N VAL B 145 10.92 14.81 -2.64
CA VAL B 145 12.15 14.28 -3.22
C VAL B 145 11.91 12.96 -3.97
N TYR B 146 11.22 12.03 -3.32
CA TYR B 146 10.86 10.75 -3.90
C TYR B 146 9.86 10.95 -5.04
N LEU B 147 8.81 11.73 -4.81
CA LEU B 147 7.80 11.91 -5.85
C LEU B 147 8.39 12.53 -7.11
N SER B 148 9.39 13.40 -6.93
CA SER B 148 10.07 14.08 -8.03
CA SER B 148 10.04 14.07 -8.05
C SER B 148 10.92 13.10 -8.82
N ARG B 149 11.54 12.16 -8.09
CA ARG B 149 12.29 11.08 -8.70
CA ARG B 149 12.29 11.06 -8.69
C ARG B 149 11.36 10.18 -9.52
N LEU B 150 10.19 9.87 -8.97
CA LEU B 150 9.23 9.01 -9.66
C LEU B 150 8.60 9.69 -10.85
N PHE B 151 8.30 10.98 -10.71
CA PHE B 151 7.69 11.72 -11.82
C PHE B 151 8.60 12.90 -12.19
N PRO B 152 9.49 12.70 -13.18
CA PRO B 152 10.58 13.65 -13.39
C PRO B 152 10.13 14.99 -13.99
N ASN B 153 8.85 15.08 -14.37
CA ASN B 153 8.30 16.36 -14.83
C ASN B 153 7.21 16.95 -13.92
N SER B 154 7.01 16.36 -12.75
CA SER B 154 6.07 16.91 -11.77
C SER B 154 6.66 18.15 -11.11
N LYS B 155 5.83 19.08 -10.70
CA LYS B 155 6.31 20.17 -9.84
C LYS B 155 5.51 20.22 -8.54
N PHE B 156 6.03 20.95 -7.55
CA PHE B 156 5.45 20.94 -6.21
C PHE B 156 5.17 22.35 -5.67
N LEU B 157 3.94 22.55 -5.19
CA LEU B 157 3.54 23.75 -4.46
C LEU B 157 3.39 23.46 -2.98
N LEU B 158 4.36 23.86 -2.17
CA LEU B 158 4.23 23.64 -0.72
C LEU B 158 3.57 24.81 0.01
N MET B 159 2.37 24.62 0.55
CA MET B 159 1.73 25.64 1.40
C MET B 159 2.44 25.81 2.74
N VAL B 160 2.69 27.07 3.08
CA VAL B 160 3.28 27.51 4.35
C VAL B 160 2.35 28.52 5.02
N ARG B 161 2.01 28.26 6.28
CA ARG B 161 1.14 29.17 7.04
C ARG B 161 1.66 29.19 8.48
N ASP B 162 1.61 30.35 9.11
CA ASP B 162 1.96 30.48 10.51
C ASP B 162 1.46 29.24 11.28
N GLY B 163 2.40 28.51 11.86
CA GLY B 163 2.09 27.31 12.62
C GLY B 163 1.05 27.56 13.70
N ARG B 164 1.05 28.77 14.23
CA ARG B 164 0.16 29.14 15.31
C ARG B 164 -1.27 29.18 14.78
N ALA B 165 -1.41 29.59 13.52
CA ALA B 165 -2.72 29.65 12.86
C ALA B 165 -3.15 28.23 12.46
N SER B 166 -2.23 27.42 11.95
CA SER B 166 -2.54 26.04 11.51
CA SER B 166 -2.56 26.07 11.52
C SER B 166 -3.00 25.22 12.70
N VAL B 167 -2.28 25.33 13.82
CA VAL B 167 -2.57 24.58 15.04
C VAL B 167 -3.88 25.01 15.65
N HIS B 168 -4.09 26.32 15.73
CA HIS B 168 -5.30 26.78 16.38
C HIS B 168 -6.50 26.32 15.58
N SER B 169 -6.36 26.38 14.25
CA SER B 169 -7.35 25.82 13.32
C SER B 169 -7.65 24.35 13.65
N MET B 170 -6.63 23.49 13.64
CA MET B 170 -6.91 22.06 13.93
C MET B 170 -7.51 21.76 15.31
N ILE B 171 -7.16 22.58 16.32
CA ILE B 171 -7.70 22.35 17.65
C ILE B 171 -9.17 22.78 17.73
N THR B 172 -9.52 23.97 17.22
CA THR B 172 -10.84 24.53 17.48
C THR B 172 -11.91 23.91 16.61
N ARG B 173 -11.52 23.56 15.38
CA ARG B 173 -12.39 22.86 14.43
C ARG B 173 -12.35 21.34 14.56
N LYS B 174 -11.40 20.81 15.35
CA LYS B 174 -11.23 19.35 15.58
C LYS B 174 -10.95 18.52 14.32
N VAL B 175 -10.17 19.09 13.40
CA VAL B 175 -9.62 18.34 12.28
C VAL B 175 -8.50 17.43 12.82
N THR B 176 -8.72 16.12 12.74
CA THR B 176 -7.90 15.10 13.38
C THR B 176 -6.79 14.63 12.48
N ILE B 177 -5.59 14.53 13.02
CA ILE B 177 -4.40 14.02 12.33
C ILE B 177 -3.84 12.94 13.26
N ALA B 178 -3.70 11.72 12.77
CA ALA B 178 -3.19 10.67 13.63
C ALA B 178 -1.83 11.10 14.22
N GLY B 179 -1.72 11.00 15.55
CA GLY B 179 -0.46 11.34 16.19
C GLY B 179 -0.32 12.78 16.67
N PHE B 180 -1.24 13.69 16.30
CA PHE B 180 -1.30 15.06 16.89
C PHE B 180 -2.29 15.06 18.03
N ASP B 181 -1.91 15.58 19.19
CA ASP B 181 -2.80 15.59 20.35
C ASP B 181 -3.59 16.92 20.40
N LEU B 182 -4.85 16.89 19.99
CA LEU B 182 -5.66 18.11 19.91
C LEU B 182 -5.92 18.77 21.27
N SER B 183 -5.63 18.06 22.37
CA SER B 183 -5.79 18.63 23.71
CA SER B 183 -5.75 18.60 23.73
C SER B 183 -4.60 19.50 24.15
N SER B 184 -3.59 19.64 23.28
CA SER B 184 -2.37 20.35 23.63
C SER B 184 -1.79 21.20 22.49
N TYR B 185 -1.87 22.52 22.64
CA TYR B 185 -1.19 23.49 21.73
C TYR B 185 0.29 23.16 21.58
N ARG B 186 0.95 22.84 22.69
CA ARG B 186 2.37 22.56 22.68
C ARG B 186 2.71 21.37 21.77
N ASP B 187 1.92 20.31 21.88
CA ASP B 187 2.10 19.08 21.14
C ASP B 187 1.91 19.30 19.64
N CYS B 188 0.76 19.91 19.32
CA CYS B 188 0.41 20.21 17.94
C CYS B 188 1.39 21.16 17.29
N LEU B 189 1.84 22.15 18.06
CA LEU B 189 2.88 23.04 17.59
C LEU B 189 4.16 22.29 17.38
N THR B 190 4.50 21.43 18.32
CA THR B 190 5.74 20.66 18.24
C THR B 190 5.73 19.77 17.01
N LYS B 191 4.58 19.18 16.72
CA LYS B 191 4.46 18.31 15.54
C LYS B 191 4.21 19.07 14.23
N TRP B 192 3.59 20.25 14.29
CA TRP B 192 3.63 21.13 13.12
C TRP B 192 5.10 21.40 12.80
N ASN B 193 5.88 21.71 13.83
CA ASN B 193 7.25 22.11 13.57
C ASN B 193 8.07 21.07 12.83
N LYS B 194 8.02 19.83 13.31
CA LYS B 194 8.77 18.73 12.70
CA LYS B 194 8.73 18.70 12.73
C LYS B 194 8.18 18.41 11.32
N ALA B 195 6.86 18.48 11.19
CA ALA B 195 6.26 18.21 9.89
C ALA B 195 6.78 19.22 8.84
N ILE B 196 6.68 20.51 9.13
CA ILE B 196 7.06 21.49 8.13
CA ILE B 196 7.06 21.52 8.15
C ILE B 196 8.58 21.53 7.94
N GLU B 197 9.34 21.18 8.98
CA GLU B 197 10.81 21.10 8.83
C GLU B 197 11.17 20.11 7.73
N VAL B 198 10.58 18.91 7.81
CA VAL B 198 10.76 17.90 6.80
C VAL B 198 10.34 18.39 5.43
N MET B 199 9.07 18.75 5.25
CA MET B 199 8.56 19.28 3.99
C MET B 199 9.44 20.43 3.42
N TYR B 200 9.93 21.31 4.26
CA TYR B 200 10.72 22.42 3.73
C TYR B 200 12.06 21.92 3.21
N ALA B 201 12.71 21.05 3.99
CA ALA B 201 13.97 20.50 3.55
C ALA B 201 13.83 19.76 2.20
N GLN B 202 12.74 19.03 2.04
CA GLN B 202 12.51 18.29 0.81
C GLN B 202 12.33 19.25 -0.36
N CYS B 203 11.62 20.35 -0.09
CA CYS B 203 11.38 21.40 -1.05
C CYS B 203 12.70 22.03 -1.49
N MET B 204 13.61 22.27 -0.54
CA MET B 204 14.95 22.81 -0.88
C MET B 204 15.80 21.84 -1.74
N GLU B 205 15.80 20.55 -1.40
CA GLU B 205 16.54 19.54 -2.13
C GLU B 205 16.02 19.34 -3.55
N VAL B 206 14.70 19.35 -3.70
CA VAL B 206 14.08 19.23 -5.01
C VAL B 206 14.54 20.37 -5.94
N GLY B 207 14.89 21.51 -5.34
CA GLY B 207 15.35 22.68 -6.11
C GLY B 207 14.24 23.64 -6.49
N LYS B 208 14.66 24.87 -6.78
CA LYS B 208 13.71 25.99 -6.95
C LYS B 208 13.00 25.99 -8.30
N GLU B 209 13.45 25.14 -9.21
CA GLU B 209 12.82 24.94 -10.50
CA GLU B 209 12.73 25.03 -10.47
C GLU B 209 11.60 24.02 -10.37
N LYS B 210 11.63 23.19 -9.31
CA LYS B 210 10.62 22.13 -9.12
C LYS B 210 9.68 22.26 -7.91
N CYS B 211 10.12 22.95 -6.86
CA CYS B 211 9.27 23.17 -5.71
C CYS B 211 9.20 24.64 -5.31
N LEU B 212 7.98 25.17 -5.25
CA LEU B 212 7.74 26.55 -4.77
C LEU B 212 6.95 26.63 -3.43
N PRO B 213 7.62 27.10 -2.35
CA PRO B 213 6.90 27.44 -1.12
C PRO B 213 5.92 28.57 -1.38
N VAL B 214 4.65 28.34 -1.08
CA VAL B 214 3.61 29.34 -1.21
C VAL B 214 3.11 29.74 0.19
N TYR B 215 3.31 31.00 0.57
CA TYR B 215 2.88 31.49 1.88
C TYR B 215 1.39 31.85 1.90
N TYR B 216 0.57 31.00 2.54
CA TYR B 216 -0.86 31.25 2.69
C TYR B 216 -1.19 32.73 2.92
N GLU B 217 -0.50 33.34 3.89
CA GLU B 217 -0.84 34.72 4.21
C GLU B 217 -0.54 35.69 3.06
N GLN B 218 0.43 35.37 2.19
CA GLN B 218 0.73 36.17 1.02
C GLN B 218 -0.27 35.94 -0.10
N LEU B 219 -0.77 34.73 -0.17
CA LEU B 219 -1.76 34.35 -1.15
C LEU B 219 -3.09 35.05 -0.88
N VAL B 220 -3.48 35.08 0.40
CA VAL B 220 -4.68 35.79 0.82
C VAL B 220 -4.52 37.32 0.63
N LEU B 221 -3.37 37.85 1.06
CA LEU B 221 -3.13 39.30 0.98
C LEU B 221 -3.03 39.81 -0.46
N HIS B 222 -2.34 39.06 -1.32
CA HIS B 222 -2.20 39.42 -2.73
C HIS B 222 -2.45 38.20 -3.62
N PRO B 223 -3.73 37.84 -3.85
CA PRO B 223 -4.07 36.69 -4.71
C PRO B 223 -3.44 36.77 -6.09
N ARG B 224 -3.65 37.90 -6.75
CA ARG B 224 -3.25 38.10 -8.14
C ARG B 224 -1.72 38.12 -8.29
N ARG B 225 -1.04 38.86 -7.42
CA ARG B 225 0.42 38.79 -7.47
C ARG B 225 0.86 37.34 -7.24
N SER B 226 0.29 36.68 -6.23
CA SER B 226 0.71 35.31 -5.88
C SER B 226 0.47 34.34 -7.02
N LEU B 227 -0.78 34.31 -7.51
CA LEU B 227 -1.13 33.40 -8.60
C LEU B 227 -0.34 33.64 -9.89
N LYS B 228 0.02 34.89 -10.14
CA LYS B 228 0.92 35.23 -11.23
C LYS B 228 2.26 34.50 -11.15
N LEU B 229 2.89 34.53 -9.98
CA LEU B 229 4.18 33.87 -9.78
C LEU B 229 4.06 32.35 -9.90
N ILE B 230 3.01 31.80 -9.29
CA ILE B 230 2.77 30.34 -9.24
C ILE B 230 2.61 29.75 -10.65
N LEU B 231 1.63 30.27 -11.38
CA LEU B 231 1.40 29.86 -12.77
C LEU B 231 2.65 29.98 -13.63
N ASP B 232 3.37 31.07 -13.46
CA ASP B 232 4.65 31.25 -14.13
C ASP B 232 5.57 30.09 -13.84
N PHE B 233 5.92 29.95 -12.56
CA PHE B 233 6.65 28.80 -12.05
C PHE B 233 6.17 27.46 -12.61
N LEU B 234 4.86 27.30 -12.75
CA LEU B 234 4.29 26.05 -13.27
C LEU B 234 4.43 25.94 -14.78
N GLY B 235 4.82 27.04 -15.43
CA GLY B 235 4.89 27.10 -16.90
C GLY B 235 3.51 27.13 -17.56
N ILE B 236 2.49 27.51 -16.79
CA ILE B 236 1.11 27.61 -17.28
C ILE B 236 0.67 29.07 -17.37
N ALA B 237 -0.19 29.34 -18.36
CA ALA B 237 -0.59 30.71 -18.73
C ALA B 237 -1.71 31.30 -17.83
N TRP B 238 -1.70 32.63 -17.69
CA TRP B 238 -2.70 33.31 -16.88
C TRP B 238 -4.15 32.99 -17.27
N SER B 239 -5.02 33.03 -16.27
CA SER B 239 -6.46 32.98 -16.45
C SER B 239 -7.13 33.62 -15.23
N ASP B 240 -8.01 34.59 -15.50
CA ASP B 240 -8.73 35.35 -14.44
C ASP B 240 -9.56 34.41 -13.60
N ALA B 241 -9.68 33.16 -14.06
CA ALA B 241 -10.56 32.21 -13.39
C ALA B 241 -9.99 31.80 -12.03
N VAL B 242 -8.65 31.75 -11.93
CA VAL B 242 -8.01 31.44 -10.64
C VAL B 242 -8.37 32.44 -9.55
N LEU B 243 -8.77 33.66 -9.95
CA LEU B 243 -9.22 34.70 -9.01
C LEU B 243 -10.72 34.65 -8.74
N HIS B 244 -11.39 33.63 -9.23
CA HIS B 244 -12.85 33.51 -9.05
C HIS B 244 -13.29 32.04 -8.85
N HIS B 245 -12.44 31.28 -8.18
CA HIS B 245 -12.63 29.86 -7.89
C HIS B 245 -14.03 29.49 -7.38
N GLU B 246 -14.62 30.37 -6.57
CA GLU B 246 -15.93 30.13 -5.99
C GLU B 246 -17.11 30.19 -6.98
N ASP B 247 -16.88 30.76 -8.17
CA ASP B 247 -17.91 30.79 -9.19
C ASP B 247 -17.93 29.49 -10.00
N LEU B 248 -16.89 28.69 -9.80
CA LEU B 248 -16.66 27.47 -10.57
C LEU B 248 -16.92 26.18 -9.79
N ILE B 249 -17.42 26.32 -8.55
CA ILE B 249 -17.78 25.19 -7.70
C ILE B 249 -19.00 24.48 -8.28
N GLY B 250 -18.90 23.16 -8.48
CA GLY B 250 -20.01 22.37 -9.07
C GLY B 250 -20.05 22.35 -10.60
N LYS B 251 -19.32 23.28 -11.22
CA LYS B 251 -19.26 23.39 -12.68
C LYS B 251 -18.14 22.51 -13.35
N PRO B 252 -18.31 22.17 -14.66
CA PRO B 252 -17.42 21.23 -15.35
C PRO B 252 -16.11 21.86 -15.81
N GLY B 253 -14.99 21.14 -15.63
CA GLY B 253 -13.65 21.73 -15.81
C GLY B 253 -13.34 22.63 -14.63
N GLY B 254 -14.28 22.66 -13.68
CA GLY B 254 -14.21 23.54 -12.54
C GLY B 254 -13.75 22.82 -11.30
N VAL B 255 -14.31 23.21 -10.16
CA VAL B 255 -13.80 22.85 -8.85
C VAL B 255 -14.81 21.91 -8.18
N SER B 256 -14.34 20.72 -7.85
CA SER B 256 -15.14 19.69 -7.24
C SER B 256 -14.75 19.57 -5.75
N LEU B 257 -15.74 19.68 -4.86
CA LEU B 257 -15.52 19.67 -3.40
C LEU B 257 -16.22 18.51 -2.72
N SER B 258 -15.48 17.82 -1.85
CA SER B 258 -16.05 16.78 -1.01
C SER B 258 -16.79 17.44 0.12
N LYS B 259 -18.04 17.07 0.35
CA LYS B 259 -18.82 17.71 1.43
C LYS B 259 -18.41 17.23 2.81
N ILE B 260 -17.55 16.21 2.86
CA ILE B 260 -17.04 15.73 4.14
C ILE B 260 -15.70 16.41 4.50
N GLU B 261 -14.94 16.82 3.47
CA GLU B 261 -13.68 17.55 3.70
C GLU B 261 -13.94 18.76 4.64
N ARG B 262 -13.00 19.03 5.55
CA ARG B 262 -13.25 19.95 6.64
C ARG B 262 -13.10 21.42 6.21
N SER B 263 -12.39 21.62 5.10
CA SER B 263 -12.05 22.94 4.54
C SER B 263 -13.18 23.47 3.64
N THR B 264 -13.96 22.54 3.09
CA THR B 264 -15.07 22.84 2.17
C THR B 264 -15.92 24.09 2.52
N ASP B 265 -16.42 24.22 3.74
CA ASP B 265 -17.21 25.43 4.09
C ASP B 265 -16.45 26.75 3.95
N GLN B 266 -15.12 26.69 4.01
CA GLN B 266 -14.30 27.88 3.80
C GLN B 266 -14.00 28.15 2.32
N VAL B 267 -13.85 27.10 1.54
CA VAL B 267 -13.43 27.28 0.15
C VAL B 267 -14.57 27.75 -0.78
N ILE B 268 -15.82 27.60 -0.33
CA ILE B 268 -16.95 28.14 -1.05
C ILE B 268 -16.95 29.70 -1.08
N LYS B 269 -16.29 30.34 -0.14
CA LYS B 269 -16.24 31.79 -0.09
C LYS B 269 -15.07 32.20 -0.96
N PRO B 270 -15.06 33.45 -1.51
CA PRO B 270 -13.88 33.95 -2.21
C PRO B 270 -12.68 34.17 -1.28
N VAL B 271 -11.49 34.34 -1.87
CA VAL B 271 -10.30 34.62 -1.09
C VAL B 271 -10.60 35.81 -0.20
N ASN B 272 -10.49 35.59 1.11
CA ASN B 272 -10.83 36.61 2.08
C ASN B 272 -9.90 36.60 3.30
N LEU B 273 -9.99 37.64 4.13
CA LEU B 273 -8.96 37.94 5.12
C LEU B 273 -9.24 37.39 6.49
N GLU B 274 -10.45 36.87 6.67
CA GLU B 274 -10.97 36.48 7.99
C GLU B 274 -10.05 35.58 8.84
N ALA B 275 -9.48 34.56 8.21
CA ALA B 275 -8.73 33.54 8.94
C ALA B 275 -7.24 33.81 9.22
N LEU B 276 -6.75 35.02 9.00
CA LEU B 276 -5.31 35.28 9.08
C LEU B 276 -4.69 35.17 10.49
N SER B 277 -5.40 35.75 11.45
CA SER B 277 -4.93 35.87 12.81
C SER B 277 -5.99 35.63 13.94
N LYS B 278 -6.98 34.78 13.66
CA LYS B 278 -7.99 34.37 14.65
C LYS B 278 -7.34 33.63 15.81
N TRP B 279 -6.14 33.15 15.55
CA TRP B 279 -5.37 32.46 16.56
C TRP B 279 -4.93 33.37 17.72
N THR B 280 -4.73 34.65 17.45
CA THR B 280 -4.15 35.58 18.41
C THR B 280 -4.92 35.58 19.69
N GLY B 281 -4.18 35.37 20.77
CA GLY B 281 -4.78 35.34 22.11
C GLY B 281 -5.27 33.98 22.56
N HIS B 282 -5.30 33.01 21.66
CA HIS B 282 -5.78 31.69 22.07
C HIS B 282 -4.68 30.70 22.47
N ILE B 283 -3.44 31.17 22.48
CA ILE B 283 -2.28 30.35 22.83
C ILE B 283 -2.02 30.48 24.35
N PRO B 284 -1.91 29.32 25.05
CA PRO B 284 -1.60 29.37 26.47
C PRO B 284 -0.31 30.13 26.70
N GLY B 285 -0.23 30.86 27.81
CA GLY B 285 0.91 31.68 28.12
C GLY B 285 2.27 30.98 28.16
N ASP B 286 2.34 29.75 28.64
CA ASP B 286 3.60 29.05 28.58
C ASP B 286 4.04 28.73 27.14
N VAL B 287 3.08 28.41 26.27
CA VAL B 287 3.41 28.16 24.87
C VAL B 287 3.85 29.46 24.21
N VAL B 288 3.20 30.57 24.56
CA VAL B 288 3.66 31.89 24.10
C VAL B 288 5.12 32.13 24.50
N ARG B 289 5.50 31.80 25.73
CA ARG B 289 6.88 31.99 26.20
C ARG B 289 7.85 31.15 25.36
N ASP B 290 7.53 29.86 25.21
CA ASP B 290 8.41 28.88 24.57
C ASP B 290 8.27 28.74 23.07
N MET B 291 7.56 29.67 22.44
CA MET B 291 7.27 29.57 21.02
C MET B 291 8.50 29.28 20.13
N ALA B 292 9.62 30.00 20.35
CA ALA B 292 10.80 29.87 19.45
C ALA B 292 11.48 28.52 19.58
N GLN B 293 11.40 27.94 20.77
CA GLN B 293 11.96 26.65 21.06
C GLN B 293 11.06 25.50 20.56
N ILE B 294 9.77 25.66 20.74
CA ILE B 294 8.81 24.67 20.28
C ILE B 294 8.76 24.67 18.76
N ALA B 295 8.72 25.88 18.17
CA ALA B 295 8.59 26.02 16.71
C ALA B 295 9.70 26.86 16.07
N PRO B 296 10.95 26.33 16.11
CA PRO B 296 11.97 27.14 15.46
C PRO B 296 11.69 27.36 13.96
N MET B 297 10.87 26.51 13.33
CA MET B 297 10.56 26.75 11.91
C MET B 297 9.87 28.08 11.65
N LEU B 298 9.05 28.55 12.58
CA LEU B 298 8.48 29.90 12.48
C LEU B 298 9.51 30.96 12.05
N ALA B 299 10.59 31.14 12.82
CA ALA B 299 11.57 32.18 12.44
C ALA B 299 12.27 31.84 11.13
N GLN B 300 12.51 30.55 10.90
CA GLN B 300 13.08 30.09 9.67
C GLN B 300 12.27 30.53 8.44
N LEU B 301 10.94 30.49 8.54
CA LEU B 301 10.12 30.77 7.37
C LEU B 301 9.68 32.23 7.37
N GLY B 302 10.29 33.05 8.23
CA GLY B 302 9.97 34.46 8.32
C GLY B 302 8.81 34.88 9.21
N TYR B 303 8.30 33.98 10.07
CA TYR B 303 7.30 34.39 11.08
C TYR B 303 7.94 34.68 12.44
N ASP B 304 7.91 35.92 12.89
CA ASP B 304 8.47 36.30 14.17
C ASP B 304 7.72 35.50 15.26
N PRO B 305 8.42 34.56 15.94
CA PRO B 305 7.64 33.72 16.89
C PRO B 305 7.15 34.51 18.13
N TYR B 306 7.52 35.78 18.23
CA TYR B 306 7.06 36.61 19.33
C TYR B 306 6.11 37.77 18.96
N ALA B 307 5.82 37.92 17.67
CA ALA B 307 4.75 38.83 17.24
C ALA B 307 3.40 38.14 17.39
N ASN B 308 2.46 38.83 18.02
CA ASN B 308 1.16 38.28 18.31
C ASN B 308 0.03 39.17 17.78
N PRO B 309 -0.20 39.17 16.46
CA PRO B 309 0.38 38.32 15.43
C PRO B 309 1.43 39.07 14.65
N PRO B 310 2.20 38.37 13.80
CA PRO B 310 3.04 39.17 12.90
C PRO B 310 2.16 40.09 12.08
N ASN B 311 2.75 41.13 11.50
CA ASN B 311 2.09 41.92 10.50
C ASN B 311 2.37 41.23 9.18
N TYR B 312 1.36 40.57 8.64
CA TYR B 312 1.57 39.74 7.48
C TYR B 312 1.75 40.54 6.18
N GLY B 313 1.26 41.78 6.18
CA GLY B 313 1.37 42.68 5.03
C GLY B 313 0.11 43.51 4.90
N ASN B 314 0.02 44.26 3.80
CA ASN B 314 -1.18 45.06 3.50
C ASN B 314 -2.09 44.37 2.50
N PRO B 315 -3.39 44.25 2.83
CA PRO B 315 -4.36 43.62 1.92
C PRO B 315 -4.65 44.38 0.61
N ASP B 316 -4.58 43.65 -0.52
CA ASP B 316 -5.04 44.19 -1.82
C ASP B 316 -6.48 44.62 -1.71
N PRO B 317 -6.88 45.66 -2.48
CA PRO B 317 -8.29 46.09 -2.50
C PRO B 317 -9.22 44.95 -2.87
N PHE B 318 -8.75 44.07 -3.76
CA PHE B 318 -9.48 42.87 -4.17
C PHE B 318 -9.96 42.05 -2.98
N VAL B 319 -9.05 41.71 -2.07
CA VAL B 319 -9.43 40.89 -0.89
C VAL B 319 -10.08 41.69 0.21
N ILE B 320 -9.81 43.00 0.25
CA ILE B 320 -10.60 43.85 1.11
C ILE B 320 -12.09 43.74 0.71
N ASN B 321 -12.40 43.94 -0.58
CA ASN B 321 -13.79 43.85 -1.09
C ASN B 321 -14.43 42.47 -0.88
N ASN B 322 -13.72 41.41 -1.28
CA ASN B 322 -14.16 40.04 -0.98
C ASN B 322 -14.51 39.85 0.49
N THR B 323 -13.63 40.31 1.38
CA THR B 323 -13.89 40.17 2.79
C THR B 323 -15.22 40.84 3.14
N GLN B 324 -15.39 42.08 2.66
CA GLN B 324 -16.64 42.83 2.88
C GLN B 324 -17.91 42.08 2.40
N ARG B 325 -17.86 41.41 1.25
CA ARG B 325 -19.01 40.61 0.80
C ARG B 325 -19.30 39.39 1.70
N VAL B 326 -18.26 38.79 2.26
CA VAL B 326 -18.42 37.61 3.12
C VAL B 326 -19.14 37.96 4.44
N LEU B 327 -18.84 39.15 4.98
CA LEU B 327 -19.47 39.61 6.22
C LEU B 327 -20.97 39.87 6.07
N LYS B 328 -21.38 40.45 4.94
CA LYS B 328 -22.82 40.65 4.64
C LYS B 328 -23.55 39.35 4.28
N GLY B 329 -22.85 38.43 3.62
CA GLY B 329 -23.39 37.09 3.40
C GLY B 329 -23.68 36.78 1.94
N ASP B 330 -22.77 37.17 1.05
CA ASP B 330 -22.90 36.92 -0.39
C ASP B 330 -22.18 35.64 -0.84
N GLU C 1 10.13 -2.42 13.15
CA GLU C 1 10.18 -2.97 14.55
C GLU C 1 9.24 -4.15 14.81
N ASP C 2 7.96 -4.07 14.42
CA ASP C 2 7.07 -5.25 14.56
C ASP C 2 7.31 -6.21 13.43
N PHE C 3 8.55 -6.64 13.24
CA PHE C 3 8.87 -7.55 12.15
C PHE C 3 8.58 -9.02 12.48
N GLU C 4 7.87 -9.70 11.60
CA GLU C 4 7.48 -11.11 11.75
C GLU C 4 7.55 -11.79 10.37
N ASP C 5 7.59 -13.11 10.34
CA ASP C 5 7.78 -13.81 9.09
C ASP C 5 6.60 -13.56 8.17
N TYR C 6 5.44 -13.35 8.78
CA TYR C 6 4.20 -13.07 8.10
C TYR C 6 3.48 -12.06 8.95
N GLU C 7 3.26 -10.86 8.41
CA GLU C 7 2.81 -9.71 9.16
C GLU C 7 1.32 -9.37 8.98
N PHE C 8 0.66 -10.07 8.06
CA PHE C 8 -0.72 -9.78 7.69
C PHE C 8 -1.46 -11.04 7.46
N ASP C 9 -2.43 -11.32 8.33
CA ASP C 9 -3.27 -12.50 8.22
C ASP C 9 -4.74 -12.26 8.53
N GLU D 1 -13.11 7.32 13.13
CA GLU D 1 -12.39 6.47 14.13
C GLU D 1 -12.23 5.02 13.62
N ASP D 2 -11.76 4.93 12.39
CA ASP D 2 -11.03 3.80 11.86
C ASP D 2 -9.92 4.49 11.12
N PHE D 3 -10.25 5.68 10.63
CA PHE D 3 -9.26 6.62 10.09
C PHE D 3 -9.48 8.04 10.59
N GLU D 4 -8.38 8.74 10.84
CA GLU D 4 -8.46 10.16 11.18
C GLU D 4 -8.62 10.98 9.90
N ASP D 5 -8.78 12.29 10.02
CA ASP D 5 -8.79 13.12 8.83
C ASP D 5 -7.48 13.00 8.06
N TYR D 6 -6.37 12.89 8.77
CA TYR D 6 -5.02 12.75 8.17
C TYR D 6 -4.11 11.76 8.89
N GLU D 7 -3.00 11.43 8.21
N GLU D 7 -2.95 11.46 8.31
CA GLU D 7 -1.97 10.44 8.60
CA GLU D 7 -1.99 10.56 8.93
C GLU D 7 -0.70 10.61 7.76
C GLU D 7 -0.61 11.17 9.07
N PHE D 8 0.41 10.09 8.26
N PHE D 8 -0.15 11.33 10.32
CA PHE D 8 1.61 9.85 7.44
CA PHE D 8 1.23 11.73 10.53
C PHE D 8 2.81 9.34 8.23
C PHE D 8 2.07 10.47 10.65
N ASP D 9 3.85 10.17 8.27
N ASP D 9 3.19 10.46 9.91
CA ASP D 9 5.10 9.82 8.94
CA ASP D 9 3.88 9.21 9.54
C ASP D 9 6.25 9.65 7.93
C ASP D 9 3.00 7.94 9.51
P1 A3P E . 8.25 -28.76 8.22
O1P A3P E . 8.60 -27.43 8.77
O2P A3P E . 9.54 -29.47 7.93
O3P A3P E . 7.26 -29.56 9.00
P2 A3P E . 5.73 -23.42 3.80
O4P A3P E . 6.12 -22.87 5.14
O5P A3P E . 4.30 -23.22 3.37
O6P A3P E . 6.82 -23.11 2.82
O5' A3P E . 5.77 -25.00 4.12
C5' A3P E . 6.92 -25.46 4.85
C4' A3P E . 6.87 -26.97 4.88
O4' A3P E . 7.08 -27.44 3.54
C3' A3P E . 7.94 -27.57 5.81
O3' A3P E . 7.44 -28.47 6.82
C2' A3P E . 8.79 -28.30 4.81
O2' A3P E . 9.45 -29.43 5.36
C1' A3P E . 7.86 -28.62 3.61
N9 A3P E . 8.82 -28.89 2.50
C8 A3P E . 9.70 -28.01 1.97
N7 A3P E . 10.48 -28.62 1.06
C5 A3P E . 10.11 -29.91 1.03
C6 A3P E . 10.55 -31.08 0.27
N6 A3P E . 11.57 -30.94 -0.63
N1 A3P E . 9.93 -32.26 0.51
C2 A3P E . 8.93 -32.39 1.42
N3 A3P E . 8.47 -31.35 2.15
C4 A3P E . 9.04 -30.10 1.98
P1 A3P F . -9.07 28.15 9.12
O1P A3P F . -9.59 26.84 9.63
O2P A3P F . -10.18 29.08 8.61
O3P A3P F . -8.08 28.78 10.07
P2 A3P F . -6.33 23.33 4.44
O4P A3P F . -7.01 22.69 5.62
O5P A3P F . -4.87 23.02 4.21
O6P A3P F . -7.17 23.24 3.18
O5' A3P F . -6.37 24.88 4.82
C5' A3P F . -7.53 25.26 5.60
C4' A3P F . -7.49 26.76 5.79
O4' A3P F . -7.60 27.40 4.51
C3' A3P F . -8.68 27.23 6.63
O3' A3P F . -8.22 27.98 7.75
C2' A3P F . -9.42 28.11 5.65
O2' A3P F . -10.09 29.19 6.27
C1' A3P F . -8.37 28.59 4.65
N9 A3P F . -9.23 29.03 3.54
C8 A3P F . -10.12 28.27 2.90
N7 A3P F . -10.83 28.98 2.00
C5 A3P F . -10.40 30.25 2.06
C6 A3P F . -10.76 31.52 1.38
N6 A3P F . -11.72 31.50 0.43
N1 A3P F . -10.09 32.63 1.73
C2 A3P F . -9.11 32.60 2.70
N3 A3P F . -8.76 31.48 3.36
C4 A3P F . -9.34 30.30 3.09
C1 GOL G . -8.84 39.37 10.03
O1 GOL G . -7.86 39.88 9.13
C2 GOL G . -8.10 38.60 11.12
O2 GOL G . -7.70 37.28 10.73
C3 GOL G . -8.82 38.60 12.47
O3 GOL G . -7.88 38.02 13.33
P PO4 H . -13.89 14.82 11.52
O1 PO4 H . -15.33 15.20 11.90
O2 PO4 H . -13.35 13.77 12.48
O3 PO4 H . -13.85 14.29 10.10
O4 PO4 H . -13.04 16.07 11.62
#